data_6OTJ
#
_entry.id   6OTJ
#
_cell.length_a   121.730
_cell.length_b   121.730
_cell.length_c   301.810
_cell.angle_alpha   90.000
_cell.angle_beta   90.000
_cell.angle_gamma   90.000
#
_symmetry.space_group_name_H-M   'P 43 21 2'
#
loop_
_entity.id
_entity.type
_entity.pdbx_description
1 polymer 'Tyrosine--tRNA ligase'
2 non-polymer TYROSINE
3 non-polymer 'SULFATE ION'
4 non-polymer 1,2-ETHANEDIOL
5 water water
#
_entity_poly.entity_id   1
_entity_poly.type   'polypeptide(L)'
_entity_poly.pdbx_seq_one_letter_code
;MAHHHHHHMSVIQDLQSRGLIAQTTDIEALDALLNEQKIALYCGFDPTADSLHIGHLLPVLALRRFQQAGHTPIALVGGA
TGMIGDPSFKAAERSLNSAETVAGWVGSIRSQLTPFLSFEGGNAAIMANNADWFGSMNCLDFLRDIGKHFSVNAMLNKES
VKQRIDRDGAGISFTEFAYSLLQGYDFAELNKRHGAVLEIGGSDQWGNITAGIDLTRRLNQKQVFGLTLPLVTKSDGTKF
GKTEGGAVWLNAKKTSPYQFYQFWLKVADADVYKFLKYFTFLSIEEIGVVEAKDKASGSKPEAQRILAEEMTRLIHGEEA
LAAAQRISESLFAEDQSRLTESDFEQLALDGLPAFEVSDGINAVEALVKTGLAASNKEARGFVNAKAVLLNGKPAEANNP
NHAAERPDDAYLLIGEYKRFGKYTILRRGKRNHALLVWK
;
_entity_poly.pdbx_strand_id   A,B
#
# COMPACT_ATOMS: atom_id res chain seq x y z
N MET A 9 -5.85 5.26 45.65
CA MET A 9 -6.05 3.82 45.49
C MET A 9 -4.72 3.11 45.22
N SER A 10 -4.61 1.89 45.73
CA SER A 10 -3.38 1.10 45.57
C SER A 10 -3.28 0.57 44.14
N VAL A 11 -2.04 0.23 43.76
CA VAL A 11 -1.81 -0.34 42.43
C VAL A 11 -2.47 -1.71 42.33
N ILE A 12 -2.28 -2.55 43.37
CA ILE A 12 -2.91 -3.86 43.39
C ILE A 12 -4.42 -3.72 43.51
N GLN A 13 -4.88 -2.80 44.38
CA GLN A 13 -6.31 -2.60 44.55
C GLN A 13 -6.97 -2.17 43.24
N ASP A 14 -6.25 -1.40 42.41
CA ASP A 14 -6.80 -0.99 41.12
C ASP A 14 -6.90 -2.17 40.16
N LEU A 15 -5.88 -3.05 40.15
CA LEU A 15 -5.90 -4.20 39.25
C LEU A 15 -7.00 -5.19 39.64
N GLN A 16 -7.15 -5.47 40.95
CA GLN A 16 -8.19 -6.39 41.37
C GLN A 16 -9.59 -5.78 41.24
N SER A 17 -9.69 -4.45 41.24
CA SER A 17 -10.98 -3.82 40.93
C SER A 17 -11.38 -4.07 39.49
N ARG A 18 -10.40 -4.08 38.58
CA ARG A 18 -10.63 -4.34 37.16
C ARG A 18 -10.68 -5.82 36.84
N GLY A 19 -10.51 -6.69 37.83
CA GLY A 19 -10.44 -8.11 37.56
C GLY A 19 -9.21 -8.52 36.77
N LEU A 20 -8.11 -7.80 36.94
CA LEU A 20 -6.90 -7.99 36.14
C LEU A 20 -5.86 -8.89 36.79
N ILE A 21 -6.10 -9.35 38.02
CA ILE A 21 -5.17 -10.23 38.70
C ILE A 21 -5.72 -11.65 38.62
N ALA A 22 -5.06 -12.50 37.85
CA ALA A 22 -5.46 -13.90 37.74
C ALA A 22 -4.75 -14.75 38.79
N GLN A 23 -3.42 -14.80 38.74
CA GLN A 23 -2.61 -15.48 39.73
C GLN A 23 -1.45 -14.57 40.11
N THR A 24 -1.05 -14.61 41.37
CA THR A 24 0.12 -13.87 41.82
C THR A 24 0.71 -14.60 43.03
N THR A 25 2.04 -14.56 43.14
CA THR A 25 2.71 -15.41 44.12
C THR A 25 2.40 -14.98 45.54
N ASP A 26 2.49 -13.68 45.82
CA ASP A 26 2.16 -13.16 47.16
C ASP A 26 1.53 -11.78 46.96
N ILE A 27 0.22 -11.71 47.08
CA ILE A 27 -0.46 -10.44 46.82
C ILE A 27 -0.22 -9.47 47.97
N GLU A 28 -0.12 -9.96 49.20
CA GLU A 28 0.11 -9.08 50.33
C GLU A 28 1.49 -8.45 50.26
N ALA A 29 2.52 -9.25 49.99
CA ALA A 29 3.88 -8.71 49.94
C ALA A 29 4.07 -7.82 48.71
N LEU A 30 3.46 -8.19 47.59
CA LEU A 30 3.58 -7.35 46.39
C LEU A 30 2.85 -6.02 46.59
N ASP A 31 1.70 -6.04 47.26
CA ASP A 31 0.98 -4.81 47.54
C ASP A 31 1.77 -3.92 48.50
N ALA A 32 2.33 -4.52 49.55
CA ALA A 32 3.12 -3.74 50.50
C ALA A 32 4.41 -3.22 49.88
N LEU A 33 4.99 -3.95 48.92
CA LEU A 33 6.19 -3.48 48.26
C LEU A 33 5.91 -2.27 47.38
N LEU A 34 4.78 -2.29 46.67
CA LEU A 34 4.48 -1.20 45.75
C LEU A 34 4.10 0.09 46.49
N ASN A 35 3.54 -0.03 47.70
CA ASN A 35 3.27 1.15 48.50
C ASN A 35 4.51 1.69 49.21
N GLU A 36 5.52 0.85 49.44
CA GLU A 36 6.70 1.28 50.18
C GLU A 36 7.76 1.92 49.30
N GLN A 37 7.83 1.54 48.03
CA GLN A 37 8.88 2.03 47.14
C GLN A 37 8.44 1.79 45.70
N LYS A 38 9.23 2.30 44.76
CA LYS A 38 9.02 2.10 43.34
C LYS A 38 9.90 0.95 42.86
N ILE A 39 9.33 0.09 42.01
CA ILE A 39 10.04 -1.10 41.55
C ILE A 39 10.21 -1.05 40.04
N ALA A 40 10.92 -2.04 39.51
CA ALA A 40 11.00 -2.28 38.07
C ALA A 40 10.35 -3.62 37.79
N LEU A 41 9.42 -3.63 36.83
CA LEU A 41 8.73 -4.84 36.43
C LEU A 41 8.99 -5.08 34.95
N TYR A 42 8.69 -6.28 34.48
CA TYR A 42 8.90 -6.56 33.07
C TYR A 42 7.86 -7.52 32.55
N CYS A 43 7.62 -7.43 31.25
CA CYS A 43 6.76 -8.35 30.52
C CYS A 43 7.41 -8.65 29.18
N GLY A 44 7.25 -9.88 28.71
CA GLY A 44 7.89 -10.34 27.50
C GLY A 44 6.90 -10.53 26.37
N PHE A 45 7.34 -10.19 25.16
CA PHE A 45 6.52 -10.30 23.96
C PHE A 45 7.32 -11.04 22.90
N ASP A 46 6.77 -12.16 22.42
CA ASP A 46 7.47 -12.95 21.42
C ASP A 46 7.03 -12.55 20.03
N PRO A 47 7.96 -12.35 19.10
CA PRO A 47 7.58 -12.10 17.70
C PRO A 47 7.10 -13.36 16.99
N THR A 48 5.79 -13.51 16.86
CA THR A 48 5.21 -14.62 16.14
C THR A 48 4.58 -14.21 14.81
N ALA A 49 4.39 -12.91 14.57
CA ALA A 49 3.81 -12.40 13.33
C ALA A 49 4.41 -11.04 13.03
N ASP A 50 4.04 -10.48 11.87
CA ASP A 50 4.53 -9.17 11.49
C ASP A 50 3.92 -8.02 12.29
N SER A 51 2.93 -8.32 13.12
CA SER A 51 2.26 -7.30 13.93
C SER A 51 1.50 -7.99 15.05
N LEU A 52 1.22 -7.22 16.11
CA LEU A 52 0.37 -7.66 17.20
C LEU A 52 -1.10 -7.45 16.85
N HIS A 53 -1.97 -8.08 17.63
CA HIS A 53 -3.41 -7.85 17.56
C HIS A 53 -3.94 -7.63 18.97
N ILE A 54 -5.25 -7.44 19.08
CA ILE A 54 -5.87 -7.06 20.35
C ILE A 54 -5.67 -8.10 21.43
N GLY A 55 -5.41 -9.36 21.07
CA GLY A 55 -5.14 -10.38 22.06
C GLY A 55 -3.88 -10.14 22.87
N HIS A 56 -3.00 -9.26 22.39
CA HIS A 56 -1.75 -8.93 23.06
C HIS A 56 -1.82 -7.60 23.81
N LEU A 57 -2.98 -6.95 23.86
CA LEU A 57 -3.05 -5.61 24.44
C LEU A 57 -2.91 -5.63 25.95
N LEU A 58 -3.57 -6.59 26.63
CA LEU A 58 -3.58 -6.60 28.09
C LEU A 58 -2.19 -6.48 28.72
N PRO A 59 -1.19 -7.28 28.35
CA PRO A 59 0.11 -7.16 29.05
C PRO A 59 0.77 -5.80 28.86
N VAL A 60 0.79 -5.27 27.63
CA VAL A 60 1.44 -3.98 27.44
C VAL A 60 0.65 -2.86 28.11
N LEU A 61 -0.68 -2.99 28.20
CA LEU A 61 -1.45 -1.99 28.92
C LEU A 61 -1.20 -2.08 30.42
N ALA A 62 -1.13 -3.30 30.96
CA ALA A 62 -0.81 -3.47 32.37
C ALA A 62 0.55 -2.87 32.71
N LEU A 63 1.52 -2.98 31.80
CA LEU A 63 2.79 -2.30 32.02
C LEU A 63 2.58 -0.79 32.17
N ARG A 64 1.71 -0.21 31.35
CA ARG A 64 1.46 1.22 31.44
C ARG A 64 0.78 1.57 32.76
N ARG A 65 -0.14 0.72 33.23
CA ARG A 65 -0.79 0.96 34.51
C ARG A 65 0.23 1.01 35.64
N PHE A 66 1.27 0.19 35.58
CA PHE A 66 2.33 0.27 36.57
C PHE A 66 3.15 1.54 36.40
N GLN A 67 3.48 1.90 35.16
CA GLN A 67 4.27 3.10 34.93
C GLN A 67 3.55 4.36 35.39
N GLN A 68 2.20 4.35 35.37
CA GLN A 68 1.46 5.51 35.84
C GLN A 68 1.64 5.74 37.33
N ALA A 69 1.87 4.67 38.09
CA ALA A 69 2.10 4.77 39.53
C ALA A 69 3.56 5.03 39.88
N GLY A 70 4.39 5.36 38.89
CA GLY A 70 5.78 5.70 39.13
C GLY A 70 6.76 4.55 39.04
N HIS A 71 6.33 3.38 38.58
CA HIS A 71 7.20 2.23 38.48
C HIS A 71 7.83 2.15 37.09
N THR A 72 9.00 1.53 37.02
CA THR A 72 9.76 1.45 35.77
C THR A 72 9.36 0.20 35.01
N PRO A 73 8.73 0.31 33.84
CA PRO A 73 8.34 -0.87 33.08
C PRO A 73 9.40 -1.27 32.06
N ILE A 74 9.59 -2.58 31.91
CA ILE A 74 10.53 -3.15 30.96
C ILE A 74 9.73 -3.97 29.97
N ALA A 75 9.83 -3.63 28.70
CA ALA A 75 9.16 -4.38 27.63
C ALA A 75 10.24 -5.23 26.94
N LEU A 76 10.18 -6.54 27.16
CA LEU A 76 11.16 -7.45 26.59
C LEU A 76 10.62 -8.02 25.29
N VAL A 77 11.36 -7.82 24.21
CA VAL A 77 11.02 -8.39 22.90
C VAL A 77 11.82 -9.68 22.73
N GLY A 78 11.13 -10.76 22.42
CA GLY A 78 11.76 -12.06 22.37
C GLY A 78 12.56 -12.36 21.13
N GLY A 79 13.62 -11.57 20.90
CA GLY A 79 14.50 -11.83 19.76
C GLY A 79 15.12 -13.21 19.80
N ALA A 80 15.33 -13.75 20.99
CA ALA A 80 15.84 -15.12 21.15
C ALA A 80 14.74 -16.13 21.43
N THR A 81 13.80 -15.82 22.33
CA THR A 81 12.74 -16.78 22.63
C THR A 81 11.83 -17.01 21.43
N GLY A 82 11.67 -16.00 20.57
CA GLY A 82 10.97 -16.17 19.31
C GLY A 82 11.63 -17.14 18.35
N MET A 83 12.85 -17.59 18.64
CA MET A 83 13.51 -18.60 17.83
C MET A 83 13.27 -20.00 18.35
N ILE A 84 12.52 -20.14 19.44
CA ILE A 84 12.29 -21.45 20.07
C ILE A 84 10.79 -21.75 20.06
N GLY A 85 10.00 -20.86 20.64
CA GLY A 85 8.56 -21.02 20.64
C GLY A 85 8.00 -21.46 21.97
N ASP A 86 7.07 -20.68 22.50
CA ASP A 86 6.46 -21.00 23.78
C ASP A 86 5.40 -22.08 23.59
N PRO A 87 5.55 -23.26 24.20
CA PRO A 87 4.53 -24.30 24.07
C PRO A 87 3.44 -24.26 25.11
N SER A 88 3.39 -23.22 25.96
CA SER A 88 2.43 -23.16 27.06
C SER A 88 1.00 -23.23 26.55
N PHE A 89 0.30 -24.30 26.93
CA PHE A 89 -1.12 -24.49 26.63
C PHE A 89 -1.39 -24.52 25.13
N LYS A 90 -0.44 -25.05 24.36
CA LYS A 90 -0.61 -25.27 22.94
C LYS A 90 -0.57 -26.76 22.66
N ALA A 91 -1.56 -27.25 21.91
CA ALA A 91 -1.69 -28.67 21.64
C ALA A 91 -0.89 -29.15 20.45
N ALA A 92 -0.30 -28.24 19.68
CA ALA A 92 0.46 -28.58 18.49
C ALA A 92 1.78 -27.82 18.49
N GLU A 93 2.80 -28.44 17.91
CA GLU A 93 4.12 -27.83 17.84
C GLU A 93 4.10 -26.63 16.90
N ARG A 94 4.65 -25.51 17.36
CA ARG A 94 4.88 -24.38 16.49
C ARG A 94 6.01 -24.69 15.52
N SER A 95 5.98 -24.05 14.35
CA SER A 95 7.06 -24.21 13.41
C SER A 95 8.17 -23.19 13.70
N LEU A 96 9.37 -23.52 13.22
CA LEU A 96 10.55 -22.70 13.47
C LEU A 96 10.65 -21.60 12.43
N ASN A 97 10.69 -20.35 12.88
CA ASN A 97 10.91 -19.21 12.00
C ASN A 97 12.40 -19.00 11.80
N SER A 98 12.75 -18.43 10.66
CA SER A 98 14.15 -18.15 10.35
C SER A 98 14.64 -16.95 11.15
N ALA A 99 15.97 -16.81 11.20
CA ALA A 99 16.55 -15.66 11.89
C ALA A 99 16.19 -14.35 11.20
N GLU A 100 16.14 -14.36 9.86
CA GLU A 100 15.72 -13.18 9.12
C GLU A 100 14.28 -12.82 9.44
N THR A 101 13.40 -13.83 9.53
CA THR A 101 12.00 -13.61 9.83
C THR A 101 11.83 -12.94 11.20
N VAL A 102 12.48 -13.48 12.22
CA VAL A 102 12.29 -13.00 13.57
C VAL A 102 12.90 -11.60 13.73
N ALA A 103 14.07 -11.37 13.14
CA ALA A 103 14.71 -10.07 13.26
C ALA A 103 13.82 -8.97 12.72
N GLY A 104 13.13 -9.23 11.62
CA GLY A 104 12.19 -8.24 11.09
C GLY A 104 10.99 -8.05 12.00
N TRP A 105 10.45 -9.14 12.53
CA TRP A 105 9.31 -9.04 13.43
C TRP A 105 9.69 -8.32 14.72
N VAL A 106 10.94 -8.47 15.18
CA VAL A 106 11.39 -7.79 16.40
C VAL A 106 11.31 -6.29 16.21
N GLY A 107 11.74 -5.79 15.05
CA GLY A 107 11.60 -4.38 14.77
C GLY A 107 10.17 -3.92 14.59
N SER A 108 9.30 -4.82 14.13
CA SER A 108 7.90 -4.45 13.91
C SER A 108 7.15 -4.31 15.23
N ILE A 109 7.17 -5.35 16.07
CA ILE A 109 6.40 -5.27 17.31
C ILE A 109 7.07 -4.35 18.31
N ARG A 110 8.37 -4.06 18.16
CA ARG A 110 8.99 -3.06 19.01
C ARG A 110 8.43 -1.67 18.70
N SER A 111 8.20 -1.37 17.41
CA SER A 111 7.56 -0.12 17.03
C SER A 111 6.12 -0.04 17.49
N GLN A 112 5.50 -1.18 17.84
CA GLN A 112 4.12 -1.19 18.30
C GLN A 112 4.01 -1.11 19.82
N LEU A 113 5.04 -1.55 20.54
CA LEU A 113 4.98 -1.49 22.01
C LEU A 113 5.38 -0.11 22.52
N THR A 114 6.39 0.51 21.90
CA THR A 114 6.89 1.77 22.41
C THR A 114 5.84 2.87 22.56
N PRO A 115 4.85 3.02 21.66
CA PRO A 115 3.84 4.07 21.88
C PRO A 115 3.07 3.94 23.18
N PHE A 116 2.97 2.74 23.75
CA PHE A 116 2.16 2.55 24.95
C PHE A 116 2.82 3.03 26.23
N LEU A 117 4.13 3.28 26.20
CA LEU A 117 4.89 3.58 27.41
C LEU A 117 5.62 4.91 27.26
N SER A 118 5.86 5.56 28.40
CA SER A 118 6.61 6.80 28.44
C SER A 118 8.10 6.53 28.61
N PHE A 119 8.91 7.35 27.96
CA PHE A 119 10.36 7.24 28.07
C PHE A 119 10.96 8.50 28.70
N GLU A 120 10.15 9.23 29.48
CA GLU A 120 10.60 10.42 30.17
C GLU A 120 10.58 10.19 31.67
N GLY A 121 11.39 10.98 32.38
CA GLY A 121 11.43 10.93 33.82
C GLY A 121 12.26 9.79 34.38
N GLY A 122 12.22 9.66 35.70
CA GLY A 122 12.98 8.62 36.37
C GLY A 122 12.43 7.23 36.13
N ASN A 123 11.12 7.12 35.88
CA ASN A 123 10.47 5.85 35.62
C ASN A 123 10.34 5.56 34.13
N ALA A 124 11.28 6.06 33.31
CA ALA A 124 11.20 5.85 31.88
C ALA A 124 11.28 4.36 31.55
N ALA A 125 10.49 3.94 30.56
CA ALA A 125 10.43 2.56 30.17
C ALA A 125 11.76 2.10 29.58
N ILE A 126 11.98 0.79 29.60
CA ILE A 126 13.20 0.17 29.09
C ILE A 126 12.80 -0.90 28.10
N MET A 127 13.37 -0.84 26.90
CA MET A 127 13.15 -1.86 25.87
C MET A 127 14.32 -2.82 25.88
N ALA A 128 14.05 -4.09 26.14
CA ALA A 128 15.07 -5.11 26.21
C ALA A 128 14.84 -6.18 25.15
N ASN A 129 15.90 -6.94 24.85
CA ASN A 129 15.84 -8.03 23.89
C ASN A 129 16.69 -9.18 24.43
N ASN A 130 16.06 -10.35 24.62
CA ASN A 130 16.80 -11.47 25.20
C ASN A 130 17.79 -12.10 24.21
N ALA A 131 17.81 -11.66 22.96
CA ALA A 131 18.91 -12.03 22.08
C ALA A 131 20.22 -11.38 22.50
N ASP A 132 20.18 -10.38 23.38
CA ASP A 132 21.41 -9.72 23.80
C ASP A 132 22.30 -10.66 24.61
N TRP A 133 21.69 -11.52 25.43
CA TRP A 133 22.47 -12.45 26.23
C TRP A 133 22.45 -13.88 25.71
N PHE A 134 21.35 -14.33 25.11
CA PHE A 134 21.34 -15.66 24.50
C PHE A 134 22.09 -15.70 23.17
N GLY A 135 22.19 -14.57 22.47
CA GLY A 135 22.87 -14.56 21.18
C GLY A 135 24.35 -14.87 21.26
N SER A 136 24.94 -14.74 22.46
CA SER A 136 26.35 -15.02 22.66
C SER A 136 26.58 -16.07 23.74
N MET A 137 25.54 -16.79 24.14
CA MET A 137 25.65 -17.82 25.16
C MET A 137 25.89 -19.17 24.52
N ASN A 138 27.00 -19.81 24.90
CA ASN A 138 27.33 -21.12 24.35
C ASN A 138 26.33 -22.17 24.84
N CYS A 139 26.14 -23.21 24.03
CA CYS A 139 25.15 -24.22 24.36
C CYS A 139 25.51 -24.98 25.63
N LEU A 140 26.80 -25.30 25.81
CA LEU A 140 27.22 -25.95 27.04
C LEU A 140 26.93 -25.07 28.25
N ASP A 141 27.23 -23.78 28.16
CA ASP A 141 26.92 -22.88 29.27
C ASP A 141 25.42 -22.76 29.50
N PHE A 142 24.63 -22.87 28.44
CA PHE A 142 23.18 -22.87 28.58
C PHE A 142 22.71 -24.08 29.38
N LEU A 143 23.09 -25.28 28.92
CA LEU A 143 22.69 -26.51 29.60
C LEU A 143 23.23 -26.58 31.03
N ARG A 144 24.41 -26.01 31.28
CA ARG A 144 24.98 -26.07 32.62
C ARG A 144 24.46 -24.96 33.51
N ASP A 145 24.75 -23.71 33.15
CA ASP A 145 24.49 -22.59 34.06
C ASP A 145 23.00 -22.40 34.31
N ILE A 146 22.15 -22.77 33.35
CA ILE A 146 20.70 -22.70 33.51
C ILE A 146 20.11 -24.08 33.77
N GLY A 147 20.45 -25.05 32.93
CA GLY A 147 19.78 -26.34 32.94
C GLY A 147 19.96 -27.14 34.21
N LYS A 148 21.07 -26.95 34.94
CA LYS A 148 21.26 -27.74 36.15
C LYS A 148 20.24 -27.42 37.23
N HIS A 149 19.56 -26.27 37.14
CA HIS A 149 18.57 -25.88 38.14
C HIS A 149 17.15 -26.32 37.79
N PHE A 150 16.99 -27.18 36.78
CA PHE A 150 15.67 -27.59 36.30
C PHE A 150 15.51 -29.09 36.43
N SER A 151 14.43 -29.52 37.08
CA SER A 151 14.08 -30.92 37.20
C SER A 151 13.15 -31.30 36.06
N VAL A 152 13.53 -32.33 35.29
CA VAL A 152 12.69 -32.76 34.18
C VAL A 152 11.33 -33.23 34.69
N ASN A 153 11.30 -33.91 35.84
CA ASN A 153 10.03 -34.34 36.40
C ASN A 153 9.14 -33.14 36.73
N ALA A 154 9.74 -32.06 37.25
CA ALA A 154 8.95 -30.87 37.53
C ALA A 154 8.49 -30.20 36.25
N MET A 155 9.35 -30.17 35.23
CA MET A 155 8.98 -29.62 33.93
C MET A 155 7.85 -30.40 33.28
N LEU A 156 7.85 -31.73 33.42
CA LEU A 156 6.81 -32.55 32.81
C LEU A 156 5.46 -32.38 33.49
N ASN A 157 5.45 -32.02 34.77
CA ASN A 157 4.21 -31.88 35.52
C ASN A 157 3.67 -30.46 35.52
N LYS A 158 4.29 -29.56 34.76
CA LYS A 158 3.73 -28.23 34.58
C LYS A 158 2.47 -28.32 33.74
N GLU A 159 1.39 -27.69 34.22
CA GLU A 159 0.11 -27.75 33.50
C GLU A 159 0.25 -27.26 32.07
N SER A 160 1.16 -26.30 31.84
CA SER A 160 1.30 -25.67 30.53
C SER A 160 1.72 -26.65 29.44
N VAL A 161 2.44 -27.73 29.79
CA VAL A 161 2.90 -28.69 28.79
C VAL A 161 2.48 -30.12 29.12
N LYS A 162 1.83 -30.35 30.26
CA LYS A 162 1.50 -31.72 30.65
C LYS A 162 0.54 -32.38 29.67
N GLN A 163 -0.37 -31.60 29.07
CA GLN A 163 -1.29 -32.20 28.10
C GLN A 163 -0.56 -32.68 26.86
N ARG A 164 0.57 -32.07 26.51
CA ARG A 164 1.37 -32.56 25.39
C ARG A 164 2.13 -33.83 25.73
N ILE A 165 2.50 -34.02 26.99
CA ILE A 165 3.30 -35.17 27.38
C ILE A 165 2.46 -36.42 27.53
N ASP A 166 1.20 -36.29 27.97
CA ASP A 166 0.34 -37.44 28.18
C ASP A 166 0.18 -38.26 26.90
N ARG A 167 -0.29 -39.50 27.06
CA ARG A 167 -0.38 -40.41 25.92
C ARG A 167 -1.30 -39.87 24.82
N ASP A 168 -2.27 -39.03 25.19
CA ASP A 168 -3.20 -38.47 24.22
C ASP A 168 -2.61 -37.30 23.45
N GLY A 169 -1.59 -36.63 24.00
CA GLY A 169 -1.05 -35.44 23.38
C GLY A 169 -0.25 -35.73 22.14
N ALA A 170 0.12 -34.64 21.45
CA ALA A 170 0.88 -34.69 20.21
C ALA A 170 2.38 -34.76 20.42
N GLY A 171 2.84 -34.73 21.66
CA GLY A 171 4.25 -34.71 21.95
C GLY A 171 4.84 -33.32 21.80
N ILE A 172 6.03 -33.15 22.37
CA ILE A 172 6.76 -31.89 22.33
C ILE A 172 8.21 -32.19 21.98
N SER A 173 8.81 -31.29 21.21
CA SER A 173 10.21 -31.45 20.85
C SER A 173 11.10 -30.94 21.97
N PHE A 174 12.36 -31.36 21.95
CA PHE A 174 13.35 -30.83 22.89
C PHE A 174 13.43 -29.31 22.79
N THR A 175 13.28 -28.76 21.58
CA THR A 175 13.34 -27.31 21.37
C THR A 175 12.35 -26.57 22.25
N GLU A 176 11.06 -26.79 22.03
CA GLU A 176 10.04 -26.08 22.79
C GLU A 176 10.01 -26.52 24.26
N PHE A 177 10.40 -27.77 24.53
CA PHE A 177 10.50 -28.22 25.91
C PHE A 177 11.54 -27.42 26.68
N ALA A 178 12.48 -26.79 26.00
CA ALA A 178 13.52 -25.99 26.63
C ALA A 178 13.12 -24.52 26.75
N TYR A 179 11.92 -24.14 26.30
CA TYR A 179 11.56 -22.72 26.26
C TYR A 179 11.53 -22.11 27.66
N SER A 180 10.95 -22.82 28.63
CA SER A 180 10.86 -22.28 29.99
C SER A 180 12.22 -21.97 30.59
N LEU A 181 13.29 -22.59 30.07
CA LEU A 181 14.62 -22.23 30.55
C LEU A 181 15.02 -20.83 30.09
N LEU A 182 14.71 -20.49 28.83
CA LEU A 182 15.06 -19.17 28.32
C LEU A 182 14.27 -18.09 29.05
N GLN A 183 12.95 -18.25 29.15
CA GLN A 183 12.12 -17.26 29.83
C GLN A 183 12.44 -17.23 31.32
N GLY A 184 12.80 -18.36 31.92
CA GLY A 184 13.23 -18.34 33.30
C GLY A 184 14.48 -17.50 33.51
N TYR A 185 15.48 -17.69 32.66
CA TYR A 185 16.71 -16.92 32.78
C TYR A 185 16.49 -15.44 32.51
N ASP A 186 15.49 -15.08 31.70
CA ASP A 186 15.24 -13.67 31.41
C ASP A 186 14.92 -12.91 32.69
N PHE A 187 14.14 -13.52 33.58
CA PHE A 187 13.79 -12.86 34.83
C PHE A 187 15.03 -12.63 35.70
N ALA A 188 15.89 -13.64 35.82
CA ALA A 188 17.12 -13.46 36.58
C ALA A 188 18.02 -12.40 35.94
N GLU A 189 18.10 -12.40 34.61
CA GLU A 189 18.97 -11.45 33.93
C GLU A 189 18.44 -10.02 34.06
N LEU A 190 17.14 -9.82 33.87
CA LEU A 190 16.59 -8.48 34.02
C LEU A 190 16.57 -8.05 35.48
N ASN A 191 16.52 -9.00 36.42
CA ASN A 191 16.70 -8.65 37.82
C ASN A 191 18.11 -8.14 38.08
N LYS A 192 19.11 -8.76 37.45
CA LYS A 192 20.49 -8.31 37.63
C LYS A 192 20.74 -7.01 36.88
N ARG A 193 20.22 -6.88 35.66
CA ARG A 193 20.53 -5.71 34.84
C ARG A 193 19.78 -4.47 35.33
N HIS A 194 18.46 -4.57 35.51
CA HIS A 194 17.62 -3.41 35.78
C HIS A 194 16.83 -3.53 37.07
N GLY A 195 17.16 -4.48 37.94
CA GLY A 195 16.45 -4.60 39.20
C GLY A 195 15.01 -5.04 39.08
N ALA A 196 14.68 -5.81 38.05
CA ALA A 196 13.32 -6.31 37.87
C ALA A 196 12.98 -7.26 39.02
N VAL A 197 11.93 -6.93 39.77
CA VAL A 197 11.47 -7.76 40.86
C VAL A 197 10.04 -8.26 40.64
N LEU A 198 9.53 -8.14 39.42
CA LEU A 198 8.16 -8.55 39.11
C LEU A 198 8.04 -8.81 37.62
N GLU A 199 7.49 -9.98 37.27
CA GLU A 199 7.18 -10.31 35.88
C GLU A 199 5.69 -10.50 35.75
N ILE A 200 5.08 -9.76 34.81
CA ILE A 200 3.68 -9.94 34.46
C ILE A 200 3.60 -10.54 33.06
N GLY A 201 2.49 -11.22 32.80
CA GLY A 201 2.27 -11.80 31.49
C GLY A 201 0.84 -12.28 31.35
N GLY A 202 0.56 -12.84 30.17
CA GLY A 202 -0.73 -13.42 29.89
C GLY A 202 -1.10 -14.57 30.81
N SER A 203 -2.34 -15.03 30.70
CA SER A 203 -2.83 -16.06 31.61
C SER A 203 -2.11 -17.38 31.44
N ASP A 204 -1.49 -17.61 30.28
CA ASP A 204 -0.82 -18.87 30.00
C ASP A 204 0.66 -18.85 30.38
N GLN A 205 1.11 -17.88 31.15
CA GLN A 205 2.52 -17.70 31.45
C GLN A 205 2.87 -18.03 32.90
N TRP A 206 1.95 -18.64 33.65
CA TRP A 206 2.23 -18.91 35.07
C TRP A 206 3.41 -19.87 35.24
N GLY A 207 3.51 -20.87 34.37
CA GLY A 207 4.60 -21.83 34.49
C GLY A 207 5.96 -21.21 34.24
N ASN A 208 6.07 -20.36 33.22
CA ASN A 208 7.33 -19.74 32.89
C ASN A 208 7.68 -18.56 33.81
N ILE A 209 6.69 -17.97 34.48
CA ILE A 209 6.96 -16.88 35.40
C ILE A 209 7.51 -17.41 36.72
N THR A 210 6.85 -18.43 37.29
CA THR A 210 7.37 -19.02 38.51
C THR A 210 8.73 -19.68 38.27
N ALA A 211 9.01 -20.13 37.05
CA ALA A 211 10.34 -20.67 36.75
C ALA A 211 11.39 -19.58 36.85
N GLY A 212 11.08 -18.38 36.36
CA GLY A 212 12.00 -17.27 36.51
C GLY A 212 12.06 -16.73 37.93
N ILE A 213 11.02 -16.98 38.72
CA ILE A 213 11.08 -16.62 40.14
C ILE A 213 12.05 -17.52 40.87
N ASP A 214 11.92 -18.84 40.69
CA ASP A 214 12.82 -19.79 41.33
C ASP A 214 14.26 -19.59 40.85
N LEU A 215 14.43 -19.43 39.54
CA LEU A 215 15.77 -19.30 38.97
C LEU A 215 16.45 -18.02 39.45
N THR A 216 15.68 -16.95 39.64
CA THR A 216 16.25 -15.71 40.16
C THR A 216 16.74 -15.90 41.59
N ARG A 217 16.01 -16.69 42.40
CA ARG A 217 16.48 -16.98 43.76
C ARG A 217 17.76 -17.81 43.73
N ARG A 218 17.85 -18.80 42.83
CA ARG A 218 19.00 -19.68 42.81
C ARG A 218 20.25 -18.98 42.27
N LEU A 219 20.07 -18.05 41.32
CA LEU A 219 21.18 -17.37 40.67
C LEU A 219 21.55 -16.05 41.32
N ASN A 220 20.58 -15.29 41.83
CA ASN A 220 20.83 -13.96 42.35
C ASN A 220 20.53 -13.82 43.84
N GLN A 221 19.95 -14.84 44.47
CA GLN A 221 19.58 -14.78 45.89
C GLN A 221 18.65 -13.60 46.17
N LYS A 222 17.69 -13.38 45.28
CA LYS A 222 16.76 -12.27 45.39
C LYS A 222 15.33 -12.78 45.32
N GLN A 223 14.47 -12.19 46.13
CA GLN A 223 13.04 -12.50 46.16
C GLN A 223 12.33 -11.66 45.11
N VAL A 224 11.74 -12.32 44.11
CA VAL A 224 10.97 -11.64 43.07
C VAL A 224 9.55 -12.20 43.07
N PHE A 225 8.67 -11.56 42.30
CA PHE A 225 7.25 -11.87 42.30
C PHE A 225 6.75 -12.02 40.86
N GLY A 226 5.62 -12.69 40.71
CA GLY A 226 5.01 -12.86 39.42
C GLY A 226 3.50 -12.65 39.48
N LEU A 227 2.95 -12.12 38.39
CA LEU A 227 1.52 -11.84 38.29
C LEU A 227 1.05 -12.14 36.88
N THR A 228 -0.03 -12.91 36.76
CA THR A 228 -0.63 -13.18 35.45
C THR A 228 -1.99 -12.50 35.35
N LEU A 229 -2.30 -12.04 34.17
CA LEU A 229 -3.52 -11.34 33.78
C LEU A 229 -4.58 -12.33 33.32
N PRO A 230 -5.85 -11.99 33.45
CA PRO A 230 -6.90 -12.98 33.15
C PRO A 230 -6.97 -13.30 31.67
N LEU A 231 -7.52 -14.48 31.38
CA LEU A 231 -7.84 -14.85 30.01
C LEU A 231 -9.05 -14.06 29.56
N VAL A 232 -8.88 -13.19 28.57
CA VAL A 232 -9.97 -12.36 28.10
C VAL A 232 -11.04 -13.25 27.49
N THR A 233 -12.14 -13.43 28.21
CA THR A 233 -13.22 -14.31 27.80
C THR A 233 -14.48 -13.48 27.51
N LYS A 234 -15.33 -14.03 26.66
CA LYS A 234 -16.62 -13.43 26.33
C LYS A 234 -17.75 -14.20 26.99
N SER A 235 -18.87 -13.51 27.19
CA SER A 235 -20.00 -14.12 27.88
C SER A 235 -20.60 -15.27 27.10
N ASP A 236 -20.58 -15.22 25.77
CA ASP A 236 -21.18 -16.26 24.95
C ASP A 236 -20.24 -17.41 24.65
N GLY A 237 -19.02 -17.38 25.17
CA GLY A 237 -18.09 -18.51 25.05
C GLY A 237 -17.16 -18.45 23.86
N THR A 238 -17.38 -17.53 22.92
CA THR A 238 -16.53 -17.45 21.74
C THR A 238 -15.17 -16.82 22.11
N LYS A 239 -14.21 -16.95 21.19
CA LYS A 239 -12.88 -16.42 21.43
C LYS A 239 -12.90 -14.89 21.35
N PHE A 240 -11.91 -14.25 21.99
CA PHE A 240 -11.95 -12.81 22.17
C PHE A 240 -11.85 -12.06 20.85
N GLY A 241 -10.76 -12.26 20.13
CA GLY A 241 -10.65 -11.50 18.91
C GLY A 241 -11.08 -12.21 17.64
N LYS A 242 -11.78 -13.33 17.73
CA LYS A 242 -12.18 -14.08 16.54
C LYS A 242 -13.37 -13.37 15.91
N THR A 243 -13.14 -12.72 14.77
CA THR A 243 -14.21 -12.09 14.00
C THR A 243 -14.32 -12.78 12.64
N GLU A 244 -15.42 -12.49 11.94
CA GLU A 244 -15.61 -13.03 10.60
C GLU A 244 -14.50 -12.58 9.66
N GLY A 245 -14.00 -11.35 9.83
CA GLY A 245 -12.93 -10.83 9.00
C GLY A 245 -11.53 -11.21 9.40
N GLY A 246 -11.38 -12.05 10.43
CA GLY A 246 -10.07 -12.43 10.89
C GLY A 246 -9.69 -11.77 12.20
N ALA A 247 -8.40 -11.61 12.44
CA ALA A 247 -7.93 -10.98 13.66
C ALA A 247 -7.99 -9.46 13.53
N VAL A 248 -8.05 -8.79 14.69
CA VAL A 248 -8.11 -7.34 14.74
C VAL A 248 -6.70 -6.88 15.06
N TRP A 249 -5.92 -6.63 14.01
CA TRP A 249 -4.50 -6.30 14.18
C TRP A 249 -4.33 -4.88 14.68
N LEU A 250 -3.15 -4.62 15.26
CA LEU A 250 -2.84 -3.28 15.72
C LEU A 250 -2.27 -2.41 14.60
N ASN A 251 -1.71 -3.04 13.57
CA ASN A 251 -1.15 -2.27 12.45
C ASN A 251 -2.27 -1.80 11.55
N ALA A 252 -2.34 -0.48 11.34
CA ALA A 252 -3.41 0.09 10.55
C ALA A 252 -3.41 -0.43 9.11
N LYS A 253 -2.28 -0.88 8.60
CA LYS A 253 -2.26 -1.41 7.24
C LYS A 253 -2.74 -2.84 7.16
N LYS A 254 -3.04 -3.49 8.30
CA LYS A 254 -3.63 -4.82 8.32
C LYS A 254 -5.12 -4.79 8.66
N THR A 255 -5.51 -4.03 9.68
CA THR A 255 -6.92 -3.72 9.92
C THR A 255 -7.08 -2.22 10.06
N SER A 256 -7.95 -1.65 9.24
CA SER A 256 -8.17 -0.21 9.22
C SER A 256 -8.71 0.28 10.57
N PRO A 257 -8.35 1.51 10.97
CA PRO A 257 -8.96 2.09 12.18
C PRO A 257 -10.47 2.06 12.18
N TYR A 258 -11.12 2.11 11.01
CA TYR A 258 -12.56 1.97 10.96
C TYR A 258 -13.00 0.60 11.48
N GLN A 259 -12.39 -0.47 10.95
CA GLN A 259 -12.75 -1.81 11.39
C GLN A 259 -12.30 -2.06 12.82
N PHE A 260 -11.20 -1.43 13.24
CA PHE A 260 -10.79 -1.48 14.64
C PHE A 260 -11.84 -0.82 15.52
N TYR A 261 -12.27 0.39 15.15
CA TYR A 261 -13.34 1.09 15.86
C TYR A 261 -14.63 0.29 15.82
N GLN A 262 -14.88 -0.39 14.71
CA GLN A 262 -16.11 -1.17 14.58
C GLN A 262 -16.10 -2.39 15.49
N PHE A 263 -14.93 -2.98 15.72
CA PHE A 263 -14.86 -4.17 16.56
C PHE A 263 -15.32 -3.87 17.97
N TRP A 264 -14.91 -2.72 18.52
CA TRP A 264 -15.27 -2.38 19.89
C TRP A 264 -16.71 -1.91 19.99
N LEU A 265 -17.29 -1.40 18.91
CA LEU A 265 -18.70 -1.04 18.92
C LEU A 265 -19.59 -2.26 19.06
N LYS A 266 -19.17 -3.41 18.53
CA LYS A 266 -20.00 -4.60 18.51
C LYS A 266 -19.85 -5.45 19.77
N VAL A 267 -19.12 -4.96 20.78
CA VAL A 267 -18.95 -5.72 22.01
C VAL A 267 -20.29 -5.89 22.71
N ALA A 268 -20.52 -7.08 23.26
CA ALA A 268 -21.79 -7.38 23.92
C ALA A 268 -21.97 -6.52 25.18
N ASP A 269 -23.23 -6.37 25.58
CA ASP A 269 -23.55 -5.62 26.79
C ASP A 269 -22.94 -6.25 28.04
N ALA A 270 -22.83 -7.58 28.06
CA ALA A 270 -22.22 -8.25 29.21
C ALA A 270 -20.72 -8.01 29.28
N ASP A 271 -20.06 -7.97 28.13
CA ASP A 271 -18.62 -7.87 28.05
C ASP A 271 -18.10 -6.44 28.10
N VAL A 272 -18.93 -5.45 27.77
CA VAL A 272 -18.41 -4.11 27.51
C VAL A 272 -17.91 -3.44 28.78
N TYR A 273 -18.54 -3.70 29.93
CA TYR A 273 -18.10 -3.03 31.15
C TYR A 273 -16.82 -3.66 31.69
N LYS A 274 -16.66 -4.98 31.54
CA LYS A 274 -15.38 -5.60 31.89
C LYS A 274 -14.27 -5.16 30.95
N PHE A 275 -14.58 -5.02 29.65
CA PHE A 275 -13.54 -4.57 28.72
C PHE A 275 -13.13 -3.13 28.99
N LEU A 276 -14.06 -2.28 29.44
CA LEU A 276 -13.68 -0.93 29.84
C LEU A 276 -12.65 -0.98 30.96
N LYS A 277 -12.82 -1.92 31.90
CA LYS A 277 -11.86 -2.04 32.99
C LYS A 277 -10.56 -2.68 32.52
N TYR A 278 -10.66 -3.69 31.65
CA TYR A 278 -9.47 -4.36 31.15
C TYR A 278 -8.59 -3.42 30.33
N PHE A 279 -9.19 -2.68 29.38
CA PHE A 279 -8.42 -2.06 28.32
C PHE A 279 -8.32 -0.54 28.39
N THR A 280 -9.28 0.16 29.00
CA THR A 280 -9.19 1.61 29.02
C THR A 280 -8.50 2.09 30.28
N PHE A 281 -8.09 3.36 30.26
CA PHE A 281 -7.51 3.99 31.42
C PHE A 281 -8.51 4.91 32.13
N LEU A 282 -9.80 4.79 31.82
CA LEU A 282 -10.82 5.46 32.62
C LEU A 282 -10.82 4.88 34.02
N SER A 283 -11.05 5.75 35.01
CA SER A 283 -11.05 5.31 36.39
C SER A 283 -12.20 4.34 36.66
N ILE A 284 -12.08 3.59 37.75
CA ILE A 284 -13.18 2.72 38.16
C ILE A 284 -14.43 3.54 38.42
N GLU A 285 -14.27 4.76 38.96
CA GLU A 285 -15.42 5.62 39.20
C GLU A 285 -16.03 6.10 37.88
N GLU A 286 -15.20 6.53 36.94
CA GLU A 286 -15.70 6.94 35.62
C GLU A 286 -16.44 5.80 34.93
N ILE A 287 -15.86 4.60 34.96
CA ILE A 287 -16.53 3.44 34.37
C ILE A 287 -17.82 3.13 35.13
N GLY A 288 -17.81 3.31 36.45
CA GLY A 288 -19.00 3.05 37.24
C GLY A 288 -20.14 3.98 36.89
N VAL A 289 -19.84 5.23 36.53
CA VAL A 289 -20.88 6.16 36.11
C VAL A 289 -21.40 5.80 34.72
N VAL A 290 -20.50 5.40 33.82
CA VAL A 290 -20.91 4.95 32.49
C VAL A 290 -21.86 3.76 32.60
N GLU A 291 -21.52 2.80 33.46
CA GLU A 291 -22.36 1.60 33.58
C GLU A 291 -23.72 1.95 34.19
N ALA A 292 -23.73 2.78 35.23
CA ALA A 292 -24.99 3.07 35.92
C ALA A 292 -25.93 3.88 35.04
N LYS A 293 -25.39 4.80 34.24
CA LYS A 293 -26.24 5.57 33.34
C LYS A 293 -26.92 4.67 32.31
N ASP A 294 -26.18 3.70 31.77
CA ASP A 294 -26.76 2.78 30.80
C ASP A 294 -27.77 1.83 31.45
N LYS A 295 -27.49 1.38 32.67
CA LYS A 295 -28.39 0.47 33.38
C LYS A 295 -29.66 1.15 33.85
N ALA A 296 -29.67 2.48 33.97
CA ALA A 296 -30.84 3.20 34.43
C ALA A 296 -31.64 3.81 33.29
N SER A 297 -30.97 4.26 32.23
CA SER A 297 -31.65 4.81 31.08
C SER A 297 -32.26 3.68 30.25
N GLY A 298 -33.44 3.93 29.70
CA GLY A 298 -34.04 2.97 28.82
C GLY A 298 -33.57 3.04 27.38
N SER A 299 -32.50 3.78 27.11
CA SER A 299 -32.02 3.98 25.76
C SER A 299 -30.96 2.92 25.42
N LYS A 300 -30.37 3.03 24.24
CA LYS A 300 -29.29 2.13 23.88
C LYS A 300 -28.06 2.44 24.73
N PRO A 301 -27.27 1.42 25.08
CA PRO A 301 -26.11 1.65 25.93
C PRO A 301 -25.03 2.45 25.21
N GLU A 302 -24.38 3.33 25.96
CA GLU A 302 -23.32 4.18 25.41
C GLU A 302 -21.93 3.61 25.63
N ALA A 303 -21.82 2.48 26.34
CA ALA A 303 -20.50 1.99 26.75
C ALA A 303 -19.70 1.51 25.56
N GLN A 304 -20.33 0.85 24.59
CA GLN A 304 -19.60 0.36 23.42
C GLN A 304 -18.93 1.50 22.67
N ARG A 305 -19.65 2.62 22.47
CA ARG A 305 -19.04 3.74 21.76
C ARG A 305 -17.89 4.33 22.55
N ILE A 306 -18.06 4.46 23.88
CA ILE A 306 -16.97 4.96 24.71
C ILE A 306 -15.78 4.01 24.67
N LEU A 307 -16.04 2.71 24.72
CA LEU A 307 -14.95 1.73 24.57
C LEU A 307 -14.25 1.89 23.23
N ALA A 308 -15.02 2.07 22.15
CA ALA A 308 -14.42 2.19 20.83
C ALA A 308 -13.61 3.47 20.69
N GLU A 309 -14.10 4.58 21.26
CA GLU A 309 -13.35 5.82 21.18
C GLU A 309 -12.04 5.73 21.95
N GLU A 310 -12.09 5.11 23.13
CA GLU A 310 -10.88 5.01 23.95
C GLU A 310 -9.83 4.13 23.28
N MET A 311 -10.24 2.98 22.75
CA MET A 311 -9.28 2.05 22.15
C MET A 311 -8.74 2.55 20.83
N THR A 312 -9.56 3.21 20.01
CA THR A 312 -9.06 3.69 18.73
C THR A 312 -8.12 4.88 18.92
N ARG A 313 -8.44 5.78 19.85
CA ARG A 313 -7.56 6.91 20.11
C ARG A 313 -6.23 6.43 20.68
N LEU A 314 -6.27 5.44 21.56
CA LEU A 314 -5.06 4.96 22.22
C LEU A 314 -4.12 4.26 21.24
N ILE A 315 -4.65 3.37 20.40
CA ILE A 315 -3.83 2.60 19.48
C ILE A 315 -3.50 3.39 18.22
N HIS A 316 -4.49 4.06 17.62
CA HIS A 316 -4.29 4.69 16.32
C HIS A 316 -4.20 6.21 16.36
N GLY A 317 -4.72 6.87 17.39
CA GLY A 317 -4.60 8.30 17.53
C GLY A 317 -5.92 9.02 17.34
N GLU A 318 -5.88 10.33 17.64
CA GLU A 318 -7.10 11.12 17.61
CA GLU A 318 -7.10 11.13 17.62
C GLU A 318 -7.61 11.33 16.20
N GLU A 319 -6.71 11.55 15.24
CA GLU A 319 -7.13 11.73 13.86
C GLU A 319 -7.70 10.43 13.27
N ALA A 320 -7.10 9.29 13.62
CA ALA A 320 -7.62 8.03 13.09
C ALA A 320 -8.99 7.71 13.67
N LEU A 321 -9.23 8.07 14.94
CA LEU A 321 -10.57 7.92 15.50
C LEU A 321 -11.57 8.80 14.75
N ALA A 322 -11.18 10.03 14.41
CA ALA A 322 -12.06 10.89 13.65
C ALA A 322 -12.37 10.29 12.29
N ALA A 323 -11.37 9.65 11.65
CA ALA A 323 -11.60 8.98 10.38
C ALA A 323 -12.60 7.84 10.55
N ALA A 324 -12.42 7.01 11.58
CA ALA A 324 -13.34 5.90 11.80
C ALA A 324 -14.75 6.39 12.09
N GLN A 325 -14.87 7.48 12.85
CA GLN A 325 -16.19 8.06 13.10
C GLN A 325 -16.79 8.62 11.82
N ARG A 326 -15.98 9.33 11.02
CA ARG A 326 -16.48 9.91 9.78
C ARG A 326 -16.95 8.83 8.81
N ILE A 327 -16.19 7.73 8.71
CA ILE A 327 -16.60 6.63 7.84
C ILE A 327 -17.87 5.98 8.37
N SER A 328 -17.96 5.79 9.68
CA SER A 328 -19.12 5.14 10.26
C SER A 328 -20.39 5.96 10.06
N GLU A 329 -20.25 7.28 10.04
CA GLU A 329 -21.39 8.19 9.85
C GLU A 329 -21.70 8.44 8.38
N SER A 330 -20.81 8.04 7.48
CA SER A 330 -20.97 8.31 6.06
C SER A 330 -21.22 7.08 5.22
N LEU A 331 -20.95 5.89 5.76
CA LEU A 331 -21.00 4.67 4.95
C LEU A 331 -22.44 4.30 4.60
N PHE A 332 -23.36 4.45 5.55
CA PHE A 332 -24.77 4.18 5.32
C PHE A 332 -25.58 5.46 5.17
N ALA A 333 -24.91 6.57 4.88
CA ALA A 333 -25.52 7.89 4.90
C ALA A 333 -26.01 8.29 3.51
N GLU A 334 -26.90 9.28 3.51
CA GLU A 334 -27.37 9.88 2.27
C GLU A 334 -26.25 10.66 1.59
N ASP A 335 -25.55 11.50 2.35
CA ASP A 335 -24.46 12.31 1.83
C ASP A 335 -23.14 11.66 2.21
N GLN A 336 -22.35 11.28 1.20
CA GLN A 336 -21.06 10.66 1.43
C GLN A 336 -19.89 11.55 1.03
N SER A 337 -20.17 12.82 0.71
CA SER A 337 -19.12 13.75 0.33
C SER A 337 -18.06 13.93 1.42
N ARG A 338 -18.33 13.51 2.65
CA ARG A 338 -17.33 13.62 3.71
C ARG A 338 -16.20 12.63 3.54
N LEU A 339 -16.43 11.52 2.82
CA LEU A 339 -15.40 10.50 2.66
C LEU A 339 -14.24 11.03 1.85
N THR A 340 -13.03 10.73 2.31
CA THR A 340 -11.79 11.12 1.64
C THR A 340 -11.17 9.91 0.97
N GLU A 341 -10.12 10.15 0.19
CA GLU A 341 -9.42 9.03 -0.46
C GLU A 341 -8.88 8.05 0.58
N SER A 342 -8.28 8.56 1.66
CA SER A 342 -7.81 7.68 2.73
C SER A 342 -8.95 6.90 3.36
N ASP A 343 -10.14 7.51 3.47
CA ASP A 343 -11.28 6.77 3.99
C ASP A 343 -11.62 5.59 3.10
N PHE A 344 -11.58 5.78 1.78
CA PHE A 344 -11.88 4.67 0.88
C PHE A 344 -10.79 3.61 0.91
N GLU A 345 -9.53 4.01 1.08
CA GLU A 345 -8.46 3.02 1.22
C GLU A 345 -8.69 2.14 2.44
N GLN A 346 -9.22 2.71 3.53
CA GLN A 346 -9.64 1.88 4.65
C GLN A 346 -10.77 0.93 4.25
N LEU A 347 -11.74 1.45 3.51
CA LEU A 347 -12.87 0.60 3.11
C LEU A 347 -12.43 -0.54 2.21
N ALA A 348 -11.53 -0.27 1.26
CA ALA A 348 -11.04 -1.33 0.39
C ALA A 348 -10.18 -2.35 1.14
N LEU A 349 -9.62 -1.97 2.29
CA LEU A 349 -8.78 -2.90 3.05
C LEU A 349 -9.63 -3.96 3.75
N ASP A 350 -10.68 -3.55 4.45
CA ASP A 350 -11.50 -4.48 5.20
C ASP A 350 -12.83 -3.85 5.62
N GLY A 351 -13.18 -2.71 5.02
CA GLY A 351 -14.41 -2.03 5.36
C GLY A 351 -15.62 -2.57 4.63
N LEU A 352 -15.43 -2.92 3.36
CA LEU A 352 -16.50 -3.42 2.51
C LEU A 352 -15.93 -4.52 1.63
N PRO A 353 -16.78 -5.43 1.15
CA PRO A 353 -16.33 -6.39 0.14
C PRO A 353 -15.93 -5.67 -1.15
N ALA A 354 -14.63 -5.64 -1.44
CA ALA A 354 -14.13 -4.91 -2.59
C ALA A 354 -14.17 -5.78 -3.84
N PHE A 355 -14.48 -5.16 -4.97
CA PHE A 355 -14.54 -5.84 -6.25
C PHE A 355 -13.96 -4.92 -7.32
N GLU A 356 -13.11 -5.49 -8.17
CA GLU A 356 -12.45 -4.72 -9.21
C GLU A 356 -13.33 -4.70 -10.46
N VAL A 357 -13.60 -3.49 -10.96
CA VAL A 357 -14.37 -3.29 -12.18
C VAL A 357 -13.62 -2.31 -13.09
N SER A 358 -13.92 -2.39 -14.37
CA SER A 358 -13.32 -1.52 -15.38
C SER A 358 -14.41 -0.69 -16.05
N ASP A 359 -13.99 0.25 -16.90
CA ASP A 359 -14.94 1.12 -17.59
C ASP A 359 -15.83 0.32 -18.52
N GLY A 360 -17.11 0.70 -18.57
CA GLY A 360 -18.09 0.06 -19.43
C GLY A 360 -19.09 -0.81 -18.71
N ILE A 361 -18.84 -1.13 -17.44
CA ILE A 361 -19.77 -1.96 -16.69
C ILE A 361 -21.03 -1.17 -16.37
N ASN A 362 -22.19 -1.81 -16.53
CA ASN A 362 -23.47 -1.19 -16.21
C ASN A 362 -23.91 -1.60 -14.81
N ALA A 363 -25.09 -1.13 -14.42
CA ALA A 363 -25.54 -1.32 -13.04
C ALA A 363 -25.84 -2.79 -12.73
N VAL A 364 -26.56 -3.47 -13.62
CA VAL A 364 -26.93 -4.86 -13.34
C VAL A 364 -25.71 -5.77 -13.38
N GLU A 365 -24.66 -5.40 -14.13
CA GLU A 365 -23.46 -6.22 -14.14
C GLU A 365 -22.74 -6.18 -12.81
N ALA A 366 -22.64 -4.98 -12.21
CA ALA A 366 -21.99 -4.86 -10.92
C ALA A 366 -22.87 -5.38 -9.79
N LEU A 367 -24.19 -5.43 -10.00
CA LEU A 367 -25.08 -5.91 -8.93
C LEU A 367 -24.93 -7.40 -8.69
N VAL A 368 -24.58 -8.17 -9.72
CA VAL A 368 -24.46 -9.62 -9.57
C VAL A 368 -22.99 -9.98 -9.38
N LYS A 369 -22.09 -9.16 -9.92
CA LYS A 369 -20.65 -9.44 -9.76
C LYS A 369 -20.23 -9.29 -8.30
N THR A 370 -20.84 -8.35 -7.58
CA THR A 370 -20.55 -8.16 -6.17
C THR A 370 -21.33 -9.10 -5.27
N GLY A 371 -22.15 -9.99 -5.84
CA GLY A 371 -22.95 -10.89 -5.05
C GLY A 371 -24.22 -10.30 -4.50
N LEU A 372 -24.50 -9.03 -4.77
CA LEU A 372 -25.74 -8.41 -4.32
C LEU A 372 -26.98 -8.95 -5.04
N ALA A 373 -26.82 -9.94 -5.91
CA ALA A 373 -27.96 -10.60 -6.54
C ALA A 373 -27.50 -11.95 -7.10
N ALA A 374 -28.45 -12.88 -7.19
CA ALA A 374 -28.13 -14.19 -7.74
C ALA A 374 -27.97 -14.13 -9.25
N SER A 375 -28.97 -13.59 -9.95
CA SER A 375 -28.94 -13.43 -11.39
C SER A 375 -29.23 -11.98 -11.76
N ASN A 376 -28.86 -11.60 -12.98
CA ASN A 376 -29.09 -10.24 -13.44
C ASN A 376 -30.58 -9.96 -13.58
N LYS A 377 -31.36 -10.96 -14.00
CA LYS A 377 -32.80 -10.78 -14.06
C LYS A 377 -33.39 -10.53 -12.68
N GLU A 378 -32.82 -11.16 -11.65
CA GLU A 378 -33.21 -10.85 -10.29
C GLU A 378 -32.75 -9.44 -9.90
N ALA A 379 -31.51 -9.08 -10.28
CA ALA A 379 -31.02 -7.74 -10.00
C ALA A 379 -31.77 -6.69 -10.82
N ARG A 380 -32.22 -7.05 -12.03
CA ARG A 380 -32.99 -6.12 -12.84
C ARG A 380 -34.28 -5.72 -12.13
N GLY A 381 -34.83 -6.60 -11.30
CA GLY A 381 -35.97 -6.22 -10.47
C GLY A 381 -35.58 -5.24 -9.38
N PHE A 382 -34.39 -5.42 -8.79
CA PHE A 382 -33.91 -4.48 -7.78
C PHE A 382 -33.64 -3.10 -8.39
N VAL A 383 -33.19 -3.06 -9.65
CA VAL A 383 -32.90 -1.79 -10.29
C VAL A 383 -34.19 -1.00 -10.49
N ASN A 384 -35.19 -1.62 -11.12
CA ASN A 384 -36.45 -0.94 -11.40
C ASN A 384 -37.33 -0.76 -10.17
N ALA A 385 -36.94 -1.33 -9.03
CA ALA A 385 -37.66 -1.11 -7.77
C ALA A 385 -37.09 0.07 -6.98
N LYS A 386 -36.16 0.82 -7.57
CA LYS A 386 -35.54 1.98 -6.91
C LYS A 386 -34.82 1.59 -5.62
N ALA A 387 -34.33 0.35 -5.54
CA ALA A 387 -33.67 -0.15 -4.34
C ALA A 387 -32.15 -0.17 -4.47
N VAL A 388 -31.60 0.46 -5.51
CA VAL A 388 -30.16 0.48 -5.75
C VAL A 388 -29.65 1.89 -5.52
N LEU A 389 -28.57 2.02 -4.75
CA LEU A 389 -27.95 3.29 -4.43
C LEU A 389 -26.50 3.28 -4.89
N LEU A 390 -26.05 4.39 -5.45
CA LEU A 390 -24.66 4.61 -5.82
C LEU A 390 -24.16 5.83 -5.05
N ASN A 391 -23.27 5.59 -4.08
CA ASN A 391 -22.71 6.66 -3.26
C ASN A 391 -23.80 7.45 -2.53
N GLY A 392 -24.85 6.74 -2.12
CA GLY A 392 -25.92 7.32 -1.34
C GLY A 392 -27.14 7.71 -2.13
N LYS A 393 -27.01 7.90 -3.45
CA LYS A 393 -28.11 8.36 -4.28
C LYS A 393 -28.57 7.23 -5.21
N PRO A 394 -29.87 7.19 -5.53
CA PRO A 394 -30.37 6.12 -6.41
C PRO A 394 -29.82 6.25 -7.82
N ALA A 395 -29.73 5.11 -8.49
CA ALA A 395 -29.21 5.09 -9.85
C ALA A 395 -30.19 5.76 -10.80
N GLU A 396 -29.65 6.47 -11.79
CA GLU A 396 -30.45 7.18 -12.77
C GLU A 396 -30.05 6.73 -14.17
N ALA A 397 -31.02 6.72 -15.08
CA ALA A 397 -30.72 6.40 -16.47
C ALA A 397 -29.87 7.49 -17.09
N ASN A 398 -28.91 7.10 -17.93
CA ASN A 398 -27.99 8.05 -18.52
C ASN A 398 -27.37 7.52 -19.81
N ASN A 399 -28.21 7.06 -20.75
CA ASN A 399 -27.71 6.49 -22.00
C ASN A 399 -28.87 6.32 -22.98
N PRO A 400 -28.59 6.33 -24.28
CA PRO A 400 -29.61 5.90 -25.26
C PRO A 400 -29.52 4.41 -25.56
N ASN A 401 -28.96 3.64 -24.62
CA ASN A 401 -28.76 2.20 -24.75
C ASN A 401 -27.93 1.87 -25.97
N HIS A 402 -28.02 0.62 -26.43
CA HIS A 402 -27.25 0.16 -27.59
C HIS A 402 -27.95 -0.99 -28.31
N PRO A 407 -28.41 -2.98 -24.34
CA PRO A 407 -29.79 -3.26 -23.95
C PRO A 407 -30.05 -2.91 -22.48
N ASP A 408 -29.11 -3.26 -21.62
CA ASP A 408 -29.19 -3.00 -20.20
C ASP A 408 -28.31 -1.83 -19.76
N ASP A 409 -27.68 -1.16 -20.71
CA ASP A 409 -26.74 -0.08 -20.42
C ASP A 409 -27.43 1.26 -20.18
N ALA A 410 -28.75 1.27 -19.97
CA ALA A 410 -29.43 2.52 -19.64
C ALA A 410 -28.94 3.08 -18.32
N TYR A 411 -28.64 2.20 -17.36
CA TYR A 411 -28.05 2.59 -16.08
C TYR A 411 -26.57 2.22 -16.13
N LEU A 412 -25.75 3.19 -16.55
CA LEU A 412 -24.33 3.00 -16.77
C LEU A 412 -23.53 3.59 -15.61
N LEU A 413 -22.37 3.01 -15.34
CA LEU A 413 -21.49 3.47 -14.26
C LEU A 413 -20.37 4.31 -14.89
N ILE A 414 -20.68 5.59 -15.12
CA ILE A 414 -19.73 6.49 -15.76
C ILE A 414 -18.92 7.23 -14.70
N GLY A 415 -17.98 8.07 -15.13
CA GLY A 415 -17.00 8.66 -14.24
C GLY A 415 -17.60 9.50 -13.12
N GLU A 416 -18.80 10.03 -13.32
CA GLU A 416 -19.48 10.78 -12.27
C GLU A 416 -19.63 9.96 -11.00
N TYR A 417 -19.80 8.64 -11.12
CA TYR A 417 -19.98 7.78 -9.97
C TYR A 417 -18.67 7.35 -9.33
N LYS A 418 -17.53 7.77 -9.87
CA LYS A 418 -16.23 7.34 -9.37
C LYS A 418 -15.74 8.32 -8.32
N ARG A 419 -15.77 7.91 -7.06
CA ARG A 419 -15.19 8.71 -5.98
C ARG A 419 -13.67 8.70 -6.11
N PHE A 420 -13.08 9.90 -6.27
CA PHE A 420 -11.65 10.05 -6.50
C PHE A 420 -11.17 9.24 -7.70
N GLY A 421 -12.08 8.94 -8.62
CA GLY A 421 -11.74 8.22 -9.83
C GLY A 421 -11.31 6.78 -9.60
N LYS A 422 -11.83 6.13 -8.56
CA LYS A 422 -11.34 4.80 -8.22
C LYS A 422 -12.36 3.98 -7.42
N TYR A 423 -13.27 4.64 -6.72
CA TYR A 423 -14.15 3.95 -5.78
C TYR A 423 -15.61 4.34 -5.99
N THR A 424 -16.49 3.37 -5.74
CA THR A 424 -17.94 3.58 -5.85
C THR A 424 -18.62 2.62 -4.89
N ILE A 425 -19.46 3.14 -4.01
CA ILE A 425 -20.17 2.33 -3.02
C ILE A 425 -21.51 1.91 -3.61
N LEU A 426 -21.65 0.63 -3.91
CA LEU A 426 -22.86 0.07 -4.51
C LEU A 426 -23.72 -0.53 -3.41
N ARG A 427 -24.97 -0.09 -3.31
CA ARG A 427 -25.86 -0.51 -2.23
C ARG A 427 -27.17 -1.03 -2.83
N ARG A 428 -27.63 -2.16 -2.30
CA ARG A 428 -28.90 -2.76 -2.72
C ARG A 428 -29.74 -3.05 -1.48
N GLY A 429 -30.84 -2.32 -1.33
CA GLY A 429 -31.73 -2.52 -0.19
C GLY A 429 -31.25 -1.76 1.04
N LYS A 430 -31.97 -1.99 2.14
CA LYS A 430 -31.66 -1.29 3.38
C LYS A 430 -30.34 -1.78 3.98
N ARG A 431 -30.01 -3.05 3.79
CA ARG A 431 -28.81 -3.64 4.37
C ARG A 431 -28.05 -4.40 3.28
N ASN A 432 -26.77 -4.68 3.58
CA ASN A 432 -25.85 -5.42 2.73
C ASN A 432 -25.52 -4.63 1.46
N HIS A 433 -24.23 -4.36 1.27
CA HIS A 433 -23.75 -3.56 0.14
C HIS A 433 -22.26 -3.83 -0.06
N ALA A 434 -21.73 -3.35 -1.19
CA ALA A 434 -20.37 -3.66 -1.61
C ALA A 434 -19.65 -2.40 -2.07
N LEU A 435 -18.35 -2.54 -2.31
CA LEU A 435 -17.50 -1.45 -2.79
C LEU A 435 -16.90 -1.83 -4.14
N LEU A 436 -17.01 -0.92 -5.10
CA LEU A 436 -16.44 -1.08 -6.42
C LEU A 436 -15.12 -0.34 -6.52
N VAL A 437 -14.08 -1.01 -7.04
CA VAL A 437 -12.78 -0.40 -7.23
C VAL A 437 -12.45 -0.43 -8.72
N TRP A 438 -12.13 0.74 -9.27
CA TRP A 438 -11.94 0.90 -10.70
C TRP A 438 -10.47 0.69 -11.06
N LYS A 439 -10.21 -0.26 -11.96
CA LYS A 439 -8.86 -0.49 -12.43
C LYS A 439 -8.63 0.23 -13.74
N HIS B 5 27.33 24.82 -20.63
CA HIS B 5 27.64 23.39 -20.52
C HIS B 5 28.19 22.86 -21.84
N HIS B 6 27.52 21.84 -22.40
CA HIS B 6 28.00 21.12 -23.57
C HIS B 6 26.91 21.05 -24.64
N HIS B 7 26.14 22.12 -24.81
CA HIS B 7 25.05 22.18 -25.78
C HIS B 7 25.40 23.23 -26.84
N HIS B 8 26.19 22.81 -27.84
CA HIS B 8 26.58 23.68 -28.94
C HIS B 8 25.63 23.63 -30.12
N MET B 9 24.61 22.79 -30.07
CA MET B 9 23.61 22.70 -31.13
C MET B 9 22.38 23.53 -30.77
N SER B 10 21.74 24.10 -31.79
CA SER B 10 20.56 24.91 -31.56
C SER B 10 19.40 24.04 -31.10
N VAL B 11 18.37 24.69 -30.55
CA VAL B 11 17.23 23.95 -30.04
C VAL B 11 16.57 23.14 -31.15
N ILE B 12 16.42 23.74 -32.34
CA ILE B 12 15.82 23.04 -33.46
C ILE B 12 16.76 21.95 -33.98
N GLN B 13 18.04 22.28 -34.13
CA GLN B 13 19.00 21.28 -34.60
C GLN B 13 19.05 20.07 -33.67
N ASP B 14 18.98 20.31 -32.36
CA ASP B 14 18.91 19.21 -31.41
C ASP B 14 17.68 18.35 -31.65
N LEU B 15 16.51 18.97 -31.75
CA LEU B 15 15.27 18.22 -31.93
C LEU B 15 15.24 17.50 -33.27
N GLN B 16 15.82 18.10 -34.31
CA GLN B 16 15.82 17.45 -35.62
C GLN B 16 16.76 16.27 -35.68
N SER B 17 17.91 16.34 -34.99
CA SER B 17 18.83 15.21 -34.98
C SER B 17 18.23 14.01 -34.26
N ARG B 18 17.35 14.25 -33.31
CA ARG B 18 16.63 13.20 -32.60
C ARG B 18 15.31 12.82 -33.29
N GLY B 19 14.96 13.50 -34.37
CA GLY B 19 13.72 13.20 -35.07
C GLY B 19 12.50 13.49 -34.21
N LEU B 20 12.50 14.67 -33.58
CA LEU B 20 11.48 15.06 -32.63
C LEU B 20 10.58 16.17 -33.14
N ILE B 21 10.69 16.56 -34.40
CA ILE B 21 9.84 17.60 -34.97
C ILE B 21 8.89 16.94 -35.97
N ALA B 22 7.60 17.03 -35.67
CA ALA B 22 6.57 16.51 -36.57
C ALA B 22 6.04 17.62 -37.45
N GLN B 23 5.16 18.46 -36.91
CA GLN B 23 4.65 19.64 -37.59
C GLN B 23 5.09 20.88 -36.84
N THR B 24 5.27 21.97 -37.58
CA THR B 24 5.60 23.26 -36.98
C THR B 24 5.23 24.36 -37.96
N THR B 25 4.89 25.53 -37.42
CA THR B 25 4.44 26.66 -38.23
C THR B 25 5.50 27.04 -39.26
N ASP B 26 6.55 27.72 -38.81
CA ASP B 26 7.67 28.09 -39.66
C ASP B 26 8.95 27.67 -38.95
N ILE B 27 9.77 26.85 -39.61
CA ILE B 27 10.97 26.37 -38.94
C ILE B 27 12.04 27.46 -38.89
N GLU B 28 12.07 28.34 -39.88
CA GLU B 28 13.13 29.34 -40.02
C GLU B 28 13.11 30.37 -38.90
N ALA B 29 12.08 31.23 -38.87
CA ALA B 29 12.04 32.29 -37.87
C ALA B 29 11.91 31.73 -36.47
N LEU B 30 11.25 30.58 -36.30
CA LEU B 30 11.24 29.93 -34.98
C LEU B 30 12.65 29.53 -34.58
N ASP B 31 13.42 28.94 -35.50
CA ASP B 31 14.84 28.72 -35.25
C ASP B 31 15.57 30.04 -35.06
N ALA B 32 15.23 31.05 -35.88
CA ALA B 32 15.87 32.35 -35.74
C ALA B 32 15.44 33.06 -34.45
N LEU B 33 14.19 32.87 -34.03
CA LEU B 33 13.76 33.44 -32.76
C LEU B 33 14.46 32.78 -31.59
N LEU B 34 14.60 31.45 -31.63
CA LEU B 34 15.25 30.73 -30.54
C LEU B 34 16.75 31.01 -30.49
N ASN B 35 17.35 31.35 -31.64
CA ASN B 35 18.76 31.71 -31.66
C ASN B 35 18.97 33.17 -31.23
N GLU B 36 17.98 34.04 -31.43
CA GLU B 36 18.14 35.46 -31.17
C GLU B 36 17.81 35.86 -29.74
N GLN B 37 17.00 35.09 -29.03
CA GLN B 37 16.59 35.48 -27.68
C GLN B 37 16.05 34.26 -26.94
N LYS B 38 16.01 34.39 -25.62
CA LYS B 38 15.38 33.38 -24.77
C LYS B 38 13.89 33.66 -24.68
N ILE B 39 13.08 32.62 -24.87
CA ILE B 39 11.64 32.75 -24.93
C ILE B 39 11.00 31.97 -23.80
N ALA B 40 9.69 32.12 -23.68
CA ALA B 40 8.87 31.30 -22.78
C ALA B 40 7.93 30.46 -23.63
N LEU B 41 7.94 29.15 -23.41
CA LEU B 41 7.08 28.22 -24.10
C LEU B 41 6.26 27.44 -23.07
N TYR B 42 5.32 26.65 -23.56
CA TYR B 42 4.49 25.88 -22.64
C TYR B 42 3.92 24.66 -23.33
N CYS B 43 3.68 23.63 -22.53
CA CYS B 43 2.98 22.43 -22.94
C CYS B 43 1.94 22.08 -21.89
N GLY B 44 0.82 21.53 -22.35
CA GLY B 44 -0.28 21.19 -21.47
C GLY B 44 -0.33 19.70 -21.16
N PHE B 45 -0.86 19.38 -19.99
CA PHE B 45 -0.99 18.00 -19.55
C PHE B 45 -2.34 17.83 -18.88
N ASP B 46 -3.18 16.96 -19.44
CA ASP B 46 -4.53 16.79 -18.92
C ASP B 46 -4.57 15.63 -17.93
N PRO B 47 -5.15 15.82 -16.75
CA PRO B 47 -5.24 14.71 -15.79
C PRO B 47 -6.30 13.69 -16.18
N THR B 48 -5.88 12.62 -16.85
CA THR B 48 -6.80 11.56 -17.26
C THR B 48 -6.75 10.34 -16.34
N ALA B 49 -5.73 10.24 -15.48
CA ALA B 49 -5.64 9.16 -14.50
C ALA B 49 -4.91 9.68 -13.28
N ASP B 50 -4.72 8.79 -12.30
CA ASP B 50 -4.01 9.13 -11.07
C ASP B 50 -2.50 9.15 -11.24
N SER B 51 -1.99 8.94 -12.45
CA SER B 51 -0.56 8.94 -12.71
C SER B 51 -0.31 8.95 -14.21
N LEU B 52 0.82 9.54 -14.60
CA LEU B 52 1.27 9.52 -15.98
C LEU B 52 1.91 8.17 -16.31
N HIS B 53 2.05 7.91 -17.61
CA HIS B 53 2.75 6.73 -18.08
C HIS B 53 3.73 7.13 -19.19
N ILE B 54 4.44 6.15 -19.72
CA ILE B 54 5.53 6.42 -20.66
C ILE B 54 5.03 7.14 -21.90
N GLY B 55 3.76 6.97 -22.26
CA GLY B 55 3.19 7.69 -23.38
C GLY B 55 3.23 9.20 -23.23
N HIS B 56 3.30 9.68 -22.00
CA HIS B 56 3.30 11.11 -21.68
C HIS B 56 4.70 11.69 -21.52
N LEU B 57 5.75 10.88 -21.65
CA LEU B 57 7.10 11.36 -21.35
C LEU B 57 7.59 12.35 -22.41
N LEU B 58 7.36 12.06 -23.69
CA LEU B 58 7.91 12.88 -24.77
C LEU B 58 7.66 14.37 -24.58
N PRO B 59 6.44 14.85 -24.31
CA PRO B 59 6.26 16.30 -24.17
C PRO B 59 7.01 16.92 -23.00
N VAL B 60 6.98 16.29 -21.82
CA VAL B 60 7.65 16.90 -20.66
C VAL B 60 9.16 16.81 -20.80
N LEU B 61 9.67 15.77 -21.45
CA LEU B 61 11.10 15.72 -21.74
C LEU B 61 11.50 16.80 -22.72
N ALA B 62 10.64 17.11 -23.69
CA ALA B 62 10.93 18.17 -24.64
C ALA B 62 10.99 19.53 -23.95
N LEU B 63 10.09 19.77 -22.98
CA LEU B 63 10.15 21.00 -22.20
C LEU B 63 11.51 21.16 -21.54
N ARG B 64 12.06 20.08 -20.99
CA ARG B 64 13.38 20.15 -20.36
C ARG B 64 14.46 20.44 -21.39
N ARG B 65 14.31 19.94 -22.62
CA ARG B 65 15.29 20.24 -23.66
C ARG B 65 15.29 21.73 -24.00
N PHE B 66 14.12 22.37 -23.98
CA PHE B 66 14.07 23.81 -24.21
C PHE B 66 14.67 24.57 -23.02
N GLN B 67 14.48 24.06 -21.81
CA GLN B 67 15.02 24.76 -20.63
C GLN B 67 16.54 24.69 -20.60
N GLN B 68 17.14 23.64 -21.16
CA GLN B 68 18.60 23.53 -21.18
C GLN B 68 19.22 24.64 -22.00
N ALA B 69 18.51 25.13 -23.01
CA ALA B 69 18.99 26.19 -23.89
C ALA B 69 18.68 27.59 -23.37
N GLY B 70 18.26 27.71 -22.11
CA GLY B 70 17.99 29.00 -21.51
C GLY B 70 16.56 29.50 -21.65
N HIS B 71 15.70 28.75 -22.32
CA HIS B 71 14.31 29.15 -22.46
C HIS B 71 13.51 28.77 -21.21
N THR B 72 12.42 29.49 -20.99
CA THR B 72 11.62 29.30 -19.79
C THR B 72 10.47 28.35 -20.11
N PRO B 73 10.41 27.16 -19.53
CA PRO B 73 9.29 26.26 -19.77
C PRO B 73 8.15 26.47 -18.79
N ILE B 74 6.94 26.24 -19.29
CA ILE B 74 5.72 26.37 -18.51
C ILE B 74 4.94 25.07 -18.66
N ALA B 75 4.81 24.32 -17.57
CA ALA B 75 4.02 23.10 -17.55
C ALA B 75 2.61 23.46 -17.08
N LEU B 76 1.66 23.39 -18.00
CA LEU B 76 0.27 23.71 -17.69
C LEU B 76 -0.48 22.43 -17.36
N VAL B 77 -1.01 22.34 -16.15
CA VAL B 77 -1.81 21.22 -15.70
C VAL B 77 -3.27 21.51 -16.03
N GLY B 78 -3.92 20.60 -16.75
CA GLY B 78 -5.27 20.84 -17.22
C GLY B 78 -6.35 20.68 -16.17
N GLY B 79 -6.28 21.47 -15.10
CA GLY B 79 -7.31 21.41 -14.07
C GLY B 79 -8.70 21.72 -14.59
N ALA B 80 -8.80 22.58 -15.60
CA ALA B 80 -10.05 22.88 -16.27
C ALA B 80 -10.30 21.99 -17.47
N THR B 81 -9.34 21.93 -18.42
CA THR B 81 -9.54 21.10 -19.62
C THR B 81 -9.77 19.65 -19.26
N GLY B 82 -9.20 19.18 -18.15
CA GLY B 82 -9.49 17.84 -17.67
C GLY B 82 -10.94 17.61 -17.31
N MET B 83 -11.71 18.69 -17.14
CA MET B 83 -13.15 18.60 -16.88
C MET B 83 -13.97 18.50 -18.16
N ILE B 84 -13.33 18.59 -19.32
CA ILE B 84 -14.02 18.58 -20.60
C ILE B 84 -13.68 17.34 -21.41
N GLY B 85 -12.40 17.15 -21.72
CA GLY B 85 -11.96 15.97 -22.45
C GLY B 85 -11.59 16.24 -23.88
N ASP B 86 -10.33 16.03 -24.23
CA ASP B 86 -9.85 16.31 -25.57
C ASP B 86 -10.28 15.20 -26.52
N PRO B 87 -11.10 15.48 -27.53
CA PRO B 87 -11.50 14.45 -28.50
C PRO B 87 -10.55 14.28 -29.67
N SER B 88 -9.37 14.88 -29.62
CA SER B 88 -8.45 14.86 -30.76
C SER B 88 -8.09 13.43 -31.14
N PHE B 89 -8.47 13.05 -32.37
CA PHE B 89 -8.15 11.73 -32.92
C PHE B 89 -8.61 10.60 -31.99
N LYS B 90 -9.77 10.79 -31.38
CA LYS B 90 -10.40 9.77 -30.56
C LYS B 90 -11.77 9.45 -31.15
N ALA B 91 -11.98 8.19 -31.53
CA ALA B 91 -13.22 7.79 -32.18
C ALA B 91 -14.39 7.71 -31.21
N ALA B 92 -14.13 7.65 -29.92
CA ALA B 92 -15.19 7.49 -28.92
C ALA B 92 -15.13 8.63 -27.92
N GLU B 93 -16.31 8.98 -27.41
CA GLU B 93 -16.42 10.04 -26.42
C GLU B 93 -15.80 9.61 -25.10
N ARG B 94 -15.02 10.51 -24.49
CA ARG B 94 -14.53 10.26 -23.15
C ARG B 94 -15.66 10.49 -22.14
N SER B 95 -15.51 9.90 -20.96
CA SER B 95 -16.49 10.13 -19.92
C SER B 95 -16.12 11.35 -19.10
N LEU B 96 -17.10 11.87 -18.36
CA LEU B 96 -16.91 13.08 -17.58
C LEU B 96 -16.47 12.71 -16.17
N ASN B 97 -15.28 13.16 -15.79
CA ASN B 97 -14.79 12.94 -14.44
C ASN B 97 -15.30 14.03 -13.52
N SER B 98 -15.49 13.68 -12.25
CA SER B 98 -15.97 14.64 -11.27
C SER B 98 -14.89 15.67 -10.98
N ALA B 99 -15.32 16.80 -10.41
CA ALA B 99 -14.37 17.80 -9.92
C ALA B 99 -13.49 17.21 -8.82
N GLU B 100 -14.07 16.36 -7.97
CA GLU B 100 -13.31 15.70 -6.92
C GLU B 100 -12.20 14.84 -7.52
N THR B 101 -12.51 14.14 -8.62
CA THR B 101 -11.52 13.28 -9.26
C THR B 101 -10.38 14.09 -9.85
N VAL B 102 -10.72 15.14 -10.62
CA VAL B 102 -9.70 15.87 -11.36
C VAL B 102 -8.83 16.69 -10.42
N ALA B 103 -9.40 17.20 -9.33
CA ALA B 103 -8.61 17.94 -8.36
C ALA B 103 -7.50 17.08 -7.77
N GLY B 104 -7.84 15.83 -7.41
CA GLY B 104 -6.83 14.92 -6.89
C GLY B 104 -5.81 14.52 -7.95
N TRP B 105 -6.29 14.25 -9.17
CA TRP B 105 -5.37 13.90 -10.24
C TRP B 105 -4.43 15.05 -10.58
N VAL B 106 -4.90 16.29 -10.44
CA VAL B 106 -4.06 17.46 -10.73
C VAL B 106 -2.84 17.48 -9.82
N GLY B 107 -3.03 17.18 -8.53
CA GLY B 107 -1.90 17.09 -7.62
C GLY B 107 -0.97 15.94 -7.96
N SER B 108 -1.52 14.81 -8.41
CA SER B 108 -0.69 13.65 -8.75
C SER B 108 0.22 13.94 -9.94
N ILE B 109 -0.36 14.41 -11.04
CA ILE B 109 0.47 14.64 -12.22
C ILE B 109 1.37 15.86 -12.05
N ARG B 110 1.02 16.77 -11.13
CA ARG B 110 1.91 17.89 -10.86
C ARG B 110 3.15 17.43 -10.11
N SER B 111 2.98 16.53 -9.14
CA SER B 111 4.12 15.97 -8.43
C SER B 111 5.04 15.16 -9.34
N GLN B 112 4.54 14.72 -10.50
CA GLN B 112 5.37 13.97 -11.44
C GLN B 112 6.00 14.86 -12.51
N LEU B 113 5.44 16.04 -12.78
CA LEU B 113 6.00 16.90 -13.81
C LEU B 113 7.19 17.70 -13.30
N THR B 114 7.10 18.21 -12.06
CA THR B 114 8.18 19.04 -11.55
C THR B 114 9.54 18.35 -11.45
N PRO B 115 9.66 17.04 -11.21
CA PRO B 115 11.00 16.42 -11.21
C PRO B 115 11.73 16.49 -12.54
N PHE B 116 11.08 16.90 -13.63
CA PHE B 116 11.73 16.97 -14.94
C PHE B 116 12.32 18.35 -15.25
N LEU B 117 11.94 19.38 -14.52
CA LEU B 117 12.31 20.75 -14.84
C LEU B 117 13.04 21.39 -13.67
N SER B 118 13.91 22.35 -14.00
CA SER B 118 14.62 23.13 -13.00
C SER B 118 13.77 24.29 -12.53
N PHE B 119 13.99 24.69 -11.27
CA PHE B 119 13.30 25.83 -10.69
C PHE B 119 14.30 26.83 -10.12
N GLU B 120 15.44 26.99 -10.79
CA GLU B 120 16.44 27.96 -10.39
C GLU B 120 16.92 28.73 -11.61
N GLY B 121 17.11 30.04 -11.43
CA GLY B 121 17.61 30.89 -12.49
C GLY B 121 16.50 31.67 -13.17
N GLY B 122 16.91 32.42 -14.20
CA GLY B 122 15.96 33.19 -14.98
C GLY B 122 15.01 32.33 -15.79
N ASN B 123 15.49 31.17 -16.26
CA ASN B 123 14.67 30.22 -17.01
C ASN B 123 14.02 29.18 -16.11
N ALA B 124 13.76 29.51 -14.84
CA ALA B 124 13.10 28.58 -13.94
C ALA B 124 11.69 28.28 -14.45
N ALA B 125 11.32 27.01 -14.38
CA ALA B 125 10.03 26.56 -14.90
C ALA B 125 8.88 27.25 -14.17
N ILE B 126 7.71 27.21 -14.81
CA ILE B 126 6.48 27.78 -14.27
C ILE B 126 5.41 26.69 -14.33
N MET B 127 4.77 26.44 -13.19
CA MET B 127 3.66 25.48 -13.11
C MET B 127 2.36 26.26 -13.10
N ALA B 128 1.58 26.12 -14.16
CA ALA B 128 0.31 26.82 -14.28
C ALA B 128 -0.84 25.81 -14.35
N ASN B 129 -2.02 26.29 -13.97
CA ASN B 129 -3.24 25.50 -14.00
C ASN B 129 -4.31 26.32 -14.72
N ASN B 130 -4.88 25.77 -15.79
CA ASN B 130 -5.88 26.53 -16.55
C ASN B 130 -7.20 26.69 -15.79
N ALA B 131 -7.34 26.06 -14.62
CA ALA B 131 -8.49 26.30 -13.76
C ALA B 131 -8.39 27.63 -13.04
N ASP B 132 -7.24 28.30 -13.09
CA ASP B 132 -7.11 29.61 -12.45
C ASP B 132 -7.92 30.67 -13.17
N TRP B 133 -8.10 30.52 -14.49
CA TRP B 133 -8.92 31.48 -15.23
C TRP B 133 -10.27 30.93 -15.64
N PHE B 134 -10.36 29.65 -16.02
CA PHE B 134 -11.66 29.10 -16.39
C PHE B 134 -12.54 28.82 -15.18
N GLY B 135 -11.95 28.60 -14.01
CA GLY B 135 -12.74 28.29 -12.83
C GLY B 135 -13.53 29.47 -12.29
N SER B 136 -13.20 30.68 -12.73
CA SER B 136 -13.91 31.88 -12.31
C SER B 136 -14.55 32.60 -13.48
N MET B 137 -14.58 31.99 -14.66
CA MET B 137 -15.12 32.61 -15.86
C MET B 137 -16.59 32.23 -16.04
N ASN B 138 -17.43 33.25 -16.18
CA ASN B 138 -18.86 33.01 -16.34
C ASN B 138 -19.15 32.35 -17.69
N CYS B 139 -20.21 31.55 -17.72
CA CYS B 139 -20.53 30.83 -18.96
C CYS B 139 -20.85 31.79 -20.10
N LEU B 140 -21.57 32.86 -19.82
CA LEU B 140 -21.86 33.83 -20.88
C LEU B 140 -20.59 34.48 -21.37
N ASP B 141 -19.72 34.90 -20.43
CA ASP B 141 -18.46 35.52 -20.83
C ASP B 141 -17.58 34.57 -21.62
N PHE B 142 -17.68 33.26 -21.35
CA PHE B 142 -16.95 32.28 -22.16
C PHE B 142 -17.52 32.21 -23.57
N LEU B 143 -18.84 32.10 -23.69
CA LEU B 143 -19.49 31.92 -24.98
C LEU B 143 -19.25 33.09 -25.91
N ARG B 144 -19.07 34.30 -25.39
CA ARG B 144 -18.92 35.45 -26.27
C ARG B 144 -17.51 36.03 -26.29
N ASP B 145 -16.85 36.17 -25.14
CA ASP B 145 -15.49 36.71 -25.18
C ASP B 145 -14.53 35.76 -25.89
N ILE B 146 -14.82 34.46 -25.88
CA ILE B 146 -14.05 33.46 -26.60
C ILE B 146 -14.81 32.93 -27.80
N GLY B 147 -16.04 32.45 -27.59
CA GLY B 147 -16.79 31.76 -28.62
C GLY B 147 -17.07 32.56 -29.88
N LYS B 148 -17.09 33.89 -29.79
CA LYS B 148 -17.37 34.68 -30.99
C LYS B 148 -16.24 34.59 -32.02
N HIS B 149 -15.03 34.22 -31.60
CA HIS B 149 -13.90 34.11 -32.51
C HIS B 149 -13.80 32.73 -33.16
N PHE B 150 -14.81 31.89 -33.02
CA PHE B 150 -14.78 30.51 -33.49
C PHE B 150 -15.93 30.26 -34.45
N SER B 151 -15.59 29.83 -35.68
CA SER B 151 -16.58 29.45 -36.67
C SER B 151 -16.88 27.97 -36.55
N VAL B 152 -18.17 27.63 -36.41
CA VAL B 152 -18.57 26.23 -36.29
C VAL B 152 -18.19 25.45 -37.53
N ASN B 153 -18.37 26.04 -38.72
CA ASN B 153 -17.98 25.35 -39.93
C ASN B 153 -16.49 25.03 -39.94
N ALA B 154 -15.66 25.94 -39.42
CA ALA B 154 -14.22 25.68 -39.34
C ALA B 154 -13.91 24.60 -38.31
N MET B 155 -14.65 24.57 -37.21
CA MET B 155 -14.44 23.57 -36.17
C MET B 155 -14.78 22.17 -36.66
N LEU B 156 -15.82 22.05 -37.49
CA LEU B 156 -16.28 20.76 -37.96
C LEU B 156 -15.33 20.13 -38.98
N ASN B 157 -14.51 20.94 -39.64
CA ASN B 157 -13.62 20.44 -40.69
C ASN B 157 -12.23 20.12 -40.18
N LYS B 158 -11.92 20.44 -38.93
CA LYS B 158 -10.60 20.12 -38.39
C LYS B 158 -10.43 18.62 -38.28
N GLU B 159 -9.24 18.15 -38.66
CA GLU B 159 -8.99 16.71 -38.77
C GLU B 159 -9.20 15.98 -37.45
N SER B 160 -8.92 16.64 -36.32
CA SER B 160 -9.02 15.97 -35.03
C SER B 160 -10.45 15.54 -34.71
N VAL B 161 -11.44 16.29 -35.18
CA VAL B 161 -12.83 16.05 -34.86
C VAL B 161 -13.64 15.60 -36.07
N LYS B 162 -13.19 15.89 -37.29
CA LYS B 162 -13.99 15.61 -38.49
C LYS B 162 -14.40 14.15 -38.57
N GLN B 163 -13.56 13.24 -38.06
CA GLN B 163 -13.89 11.81 -38.13
C GLN B 163 -15.13 11.47 -37.31
N ARG B 164 -15.42 12.25 -36.27
CA ARG B 164 -16.62 12.01 -35.47
C ARG B 164 -17.86 12.66 -36.06
N ILE B 165 -17.70 13.76 -36.80
CA ILE B 165 -18.88 14.41 -37.38
C ILE B 165 -19.39 13.62 -38.57
N ASP B 166 -18.51 12.92 -39.28
CA ASP B 166 -18.89 12.21 -40.49
C ASP B 166 -19.98 11.16 -40.20
N ARG B 167 -20.68 10.76 -41.26
CA ARG B 167 -21.78 9.81 -41.10
C ARG B 167 -21.32 8.51 -40.46
N ASP B 168 -20.08 8.09 -40.73
CA ASP B 168 -19.53 6.88 -40.13
C ASP B 168 -19.14 7.06 -38.67
N GLY B 169 -18.89 8.30 -38.24
CA GLY B 169 -18.39 8.54 -36.90
C GLY B 169 -19.42 8.26 -35.82
N ALA B 170 -18.93 8.23 -34.59
CA ALA B 170 -19.74 7.95 -33.40
C ALA B 170 -20.37 9.20 -32.81
N GLY B 171 -20.20 10.36 -33.43
CA GLY B 171 -20.76 11.59 -32.91
C GLY B 171 -19.98 12.15 -31.73
N ILE B 172 -19.96 13.48 -31.63
CA ILE B 172 -19.30 14.18 -30.53
C ILE B 172 -20.33 15.05 -29.83
N SER B 173 -20.15 15.21 -28.53
CA SER B 173 -21.04 16.00 -27.70
C SER B 173 -20.59 17.45 -27.70
N PHE B 174 -21.51 18.35 -27.31
CA PHE B 174 -21.16 19.75 -27.25
C PHE B 174 -20.00 20.01 -26.29
N THR B 175 -19.92 19.25 -25.19
CA THR B 175 -18.86 19.41 -24.21
C THR B 175 -17.49 19.28 -24.86
N GLU B 176 -17.19 18.09 -25.38
CA GLU B 176 -15.91 17.88 -26.04
C GLU B 176 -15.75 18.74 -27.29
N PHE B 177 -16.86 19.13 -27.92
CA PHE B 177 -16.77 20.01 -29.08
C PHE B 177 -16.20 21.37 -28.69
N ALA B 178 -16.34 21.76 -27.42
CA ALA B 178 -15.85 23.04 -26.91
C ALA B 178 -14.38 23.02 -26.53
N TYR B 179 -13.74 21.85 -26.54
CA TYR B 179 -12.41 21.71 -25.96
C TYR B 179 -11.39 22.64 -26.64
N SER B 180 -11.44 22.73 -27.98
CA SER B 180 -10.48 23.56 -28.69
C SER B 180 -10.57 25.02 -28.27
N LEU B 181 -11.70 25.45 -27.72
CA LEU B 181 -11.80 26.82 -27.23
C LEU B 181 -10.96 27.00 -25.96
N LEU B 182 -11.00 26.04 -25.04
CA LEU B 182 -10.25 26.18 -23.79
C LEU B 182 -8.75 26.13 -24.05
N GLN B 183 -8.29 25.17 -24.85
CA GLN B 183 -6.86 25.09 -25.15
C GLN B 183 -6.41 26.27 -26.02
N GLY B 184 -7.30 26.77 -26.87
CA GLY B 184 -6.98 27.98 -27.60
C GLY B 184 -6.81 29.17 -26.69
N TYR B 185 -7.74 29.38 -25.77
CA TYR B 185 -7.62 30.48 -24.81
C TYR B 185 -6.43 30.31 -23.90
N ASP B 186 -6.07 29.06 -23.57
CA ASP B 186 -4.91 28.83 -22.71
C ASP B 186 -3.66 29.45 -23.31
N PHE B 187 -3.44 29.26 -24.61
CA PHE B 187 -2.30 29.88 -25.28
C PHE B 187 -2.35 31.41 -25.18
N ALA B 188 -3.53 31.99 -25.37
CA ALA B 188 -3.66 33.44 -25.29
C ALA B 188 -3.46 33.95 -23.87
N GLU B 189 -3.93 33.19 -22.87
CA GLU B 189 -3.78 33.65 -21.49
C GLU B 189 -2.34 33.56 -21.03
N LEU B 190 -1.66 32.44 -21.32
CA LEU B 190 -0.26 32.31 -20.95
C LEU B 190 0.64 33.25 -21.75
N ASN B 191 0.23 33.64 -22.95
CA ASN B 191 0.97 34.66 -23.68
C ASN B 191 0.95 35.99 -22.93
N LYS B 192 -0.18 36.34 -22.32
CA LYS B 192 -0.27 37.60 -21.58
C LYS B 192 0.31 37.48 -20.17
N ARG B 193 0.22 36.30 -19.55
CA ARG B 193 0.68 36.14 -18.18
C ARG B 193 2.19 36.01 -18.08
N HIS B 194 2.80 35.22 -18.98
CA HIS B 194 4.22 34.92 -18.89
C HIS B 194 4.97 35.12 -20.20
N GLY B 195 4.35 35.73 -21.20
CA GLY B 195 5.03 35.97 -22.46
C GLY B 195 5.24 34.74 -23.31
N ALA B 196 4.40 33.72 -23.16
CA ALA B 196 4.55 32.50 -23.94
C ALA B 196 4.32 32.77 -25.41
N VAL B 197 5.27 32.36 -26.25
CA VAL B 197 5.22 32.59 -27.68
C VAL B 197 5.29 31.29 -28.46
N LEU B 198 5.21 30.15 -27.78
CA LEU B 198 5.33 28.85 -28.43
C LEU B 198 4.63 27.80 -27.59
N GLU B 199 3.83 26.95 -28.24
CA GLU B 199 3.19 25.83 -27.58
C GLU B 199 3.64 24.55 -28.25
N ILE B 200 4.15 23.60 -27.45
CA ILE B 200 4.51 22.29 -27.94
C ILE B 200 3.56 21.27 -27.35
N GLY B 201 3.54 20.10 -27.97
CA GLY B 201 2.67 19.02 -27.49
C GLY B 201 2.78 17.82 -28.41
N GLY B 202 2.04 16.78 -28.05
CA GLY B 202 2.05 15.53 -28.78
C GLY B 202 1.61 15.64 -30.24
N SER B 203 1.64 14.50 -30.93
CA SER B 203 1.36 14.47 -32.37
C SER B 203 -0.10 14.79 -32.67
N ASP B 204 -1.01 14.51 -31.74
CA ASP B 204 -2.43 14.68 -31.96
C ASP B 204 -2.93 16.07 -31.59
N GLN B 205 -2.04 16.99 -31.25
CA GLN B 205 -2.42 18.30 -30.74
C GLN B 205 -2.27 19.41 -31.76
N TRP B 206 -2.12 19.09 -33.05
CA TRP B 206 -1.93 20.15 -34.03
C TRP B 206 -3.19 21.00 -34.18
N GLY B 207 -4.38 20.40 -34.06
CA GLY B 207 -5.60 21.17 -34.21
C GLY B 207 -5.82 22.16 -33.08
N ASN B 208 -5.52 21.75 -31.85
CA ASN B 208 -5.72 22.59 -30.67
C ASN B 208 -4.60 23.58 -30.44
N ILE B 209 -3.51 23.49 -31.20
CA ILE B 209 -2.43 24.47 -31.10
C ILE B 209 -2.66 25.62 -32.06
N THR B 210 -3.01 25.31 -33.33
CA THR B 210 -3.36 26.37 -34.26
C THR B 210 -4.57 27.16 -33.78
N ALA B 211 -5.46 26.54 -33.02
CA ALA B 211 -6.53 27.30 -32.39
C ALA B 211 -5.96 28.34 -31.43
N GLY B 212 -4.99 27.94 -30.61
CA GLY B 212 -4.34 28.89 -29.73
C GLY B 212 -3.52 29.93 -30.48
N ILE B 213 -2.88 29.52 -31.59
CA ILE B 213 -2.15 30.46 -32.41
C ILE B 213 -3.08 31.52 -32.99
N ASP B 214 -4.21 31.08 -33.54
CA ASP B 214 -5.16 32.02 -34.13
C ASP B 214 -5.82 32.89 -33.07
N LEU B 215 -6.24 32.29 -31.95
CA LEU B 215 -6.94 33.05 -30.93
C LEU B 215 -6.02 34.04 -30.24
N THR B 216 -4.73 33.71 -30.11
CA THR B 216 -3.78 34.65 -29.52
C THR B 216 -3.61 35.88 -30.41
N ARG B 217 -3.61 35.68 -31.73
CA ARG B 217 -3.49 36.82 -32.65
C ARG B 217 -4.71 37.73 -32.55
N ARG B 218 -5.90 37.16 -32.36
CA ARG B 218 -7.12 37.94 -32.34
C ARG B 218 -7.42 38.56 -30.97
N LEU B 219 -6.79 38.07 -29.90
CA LEU B 219 -6.99 38.60 -28.56
C LEU B 219 -5.85 39.50 -28.10
N ASN B 220 -4.60 39.20 -28.45
CA ASN B 220 -3.45 39.94 -27.98
C ASN B 220 -2.65 40.61 -29.08
N GLN B 221 -3.01 40.40 -30.36
CA GLN B 221 -2.30 40.99 -31.50
C GLN B 221 -0.82 40.62 -31.49
N LYS B 222 -0.53 39.36 -31.15
CA LYS B 222 0.84 38.87 -31.08
C LYS B 222 0.93 37.57 -31.87
N GLN B 223 2.02 37.41 -32.60
CA GLN B 223 2.23 36.22 -33.41
C GLN B 223 2.98 35.18 -32.58
N VAL B 224 2.37 34.00 -32.43
CA VAL B 224 2.96 32.89 -31.70
C VAL B 224 3.07 31.70 -32.65
N PHE B 225 3.75 30.65 -32.18
CA PHE B 225 4.12 29.51 -33.02
C PHE B 225 3.71 28.22 -32.34
N GLY B 226 3.71 27.13 -33.12
CA GLY B 226 3.38 25.82 -32.60
C GLY B 226 4.33 24.77 -33.14
N LEU B 227 4.43 23.68 -32.40
CA LEU B 227 5.29 22.57 -32.78
C LEU B 227 4.77 21.30 -32.13
N THR B 228 4.66 20.22 -32.90
CA THR B 228 4.21 18.94 -32.39
C THR B 228 5.32 17.90 -32.52
N LEU B 229 5.41 17.03 -31.53
CA LEU B 229 6.33 15.92 -31.42
C LEU B 229 5.79 14.71 -32.19
N PRO B 230 6.66 13.83 -32.66
CA PRO B 230 6.18 12.70 -33.48
C PRO B 230 5.43 11.69 -32.65
N LEU B 231 4.55 10.94 -33.31
CA LEU B 231 3.87 9.82 -32.68
C LEU B 231 4.87 8.71 -32.44
N VAL B 232 5.10 8.36 -31.18
CA VAL B 232 6.06 7.33 -30.82
C VAL B 232 5.57 5.99 -31.37
N THR B 233 6.14 5.56 -32.49
CA THR B 233 5.73 4.34 -33.16
C THR B 233 6.78 3.27 -32.98
N LYS B 234 6.33 2.01 -32.97
CA LYS B 234 7.22 0.86 -32.93
C LYS B 234 7.34 0.26 -34.33
N SER B 235 8.48 -0.40 -34.57
CA SER B 235 8.72 -0.98 -35.88
C SER B 235 7.70 -2.08 -36.20
N ASP B 236 7.37 -2.91 -35.22
CA ASP B 236 6.47 -4.04 -35.46
C ASP B 236 5.01 -3.62 -35.60
N GLY B 237 4.69 -2.34 -35.47
CA GLY B 237 3.35 -1.84 -35.71
C GLY B 237 2.46 -1.73 -34.50
N THR B 238 2.83 -2.34 -33.37
CA THR B 238 1.99 -2.29 -32.18
C THR B 238 2.08 -0.92 -31.51
N LYS B 239 1.17 -0.71 -30.56
CA LYS B 239 1.17 0.51 -29.77
C LYS B 239 2.42 0.61 -28.92
N PHE B 240 2.82 1.85 -28.61
CA PHE B 240 4.11 2.08 -27.95
C PHE B 240 4.13 1.53 -26.53
N GLY B 241 3.11 1.84 -25.73
CA GLY B 241 3.12 1.45 -24.34
C GLY B 241 2.37 0.19 -23.99
N LYS B 242 1.74 -0.47 -24.96
CA LYS B 242 0.87 -1.60 -24.66
C LYS B 242 1.70 -2.85 -24.34
N THR B 243 1.55 -3.36 -23.12
CA THR B 243 2.22 -4.58 -22.70
C THR B 243 1.20 -5.59 -22.18
N GLU B 244 1.67 -6.82 -21.94
CA GLU B 244 0.81 -7.85 -21.40
C GLU B 244 0.34 -7.48 -19.99
N GLY B 245 1.23 -6.91 -19.19
CA GLY B 245 0.87 -6.42 -17.87
C GLY B 245 0.14 -5.10 -17.84
N GLY B 246 -0.09 -4.48 -19.00
CA GLY B 246 -0.79 -3.21 -19.05
C GLY B 246 0.12 -2.05 -19.40
N ALA B 247 -0.23 -0.86 -18.92
CA ALA B 247 0.56 0.35 -19.16
C ALA B 247 1.79 0.38 -18.27
N VAL B 248 2.77 1.20 -18.68
CA VAL B 248 3.99 1.40 -17.90
C VAL B 248 3.90 2.74 -17.18
N TRP B 249 3.37 2.75 -15.96
CA TRP B 249 3.14 3.98 -15.22
C TRP B 249 4.44 4.55 -14.67
N LEU B 250 4.44 5.85 -14.44
CA LEU B 250 5.59 6.51 -13.83
C LEU B 250 5.58 6.44 -12.31
N ASN B 251 4.44 6.13 -11.69
CA ASN B 251 4.37 5.99 -10.24
C ASN B 251 4.83 4.61 -9.84
N ALA B 252 5.82 4.56 -8.93
CA ALA B 252 6.40 3.28 -8.55
C ALA B 252 5.40 2.34 -7.88
N LYS B 253 4.32 2.88 -7.31
CA LYS B 253 3.34 2.02 -6.65
C LYS B 253 2.34 1.41 -7.63
N LYS B 254 2.34 1.83 -8.90
CA LYS B 254 1.53 1.21 -9.95
C LYS B 254 2.34 0.27 -10.83
N THR B 255 3.52 0.69 -11.28
CA THR B 255 4.50 -0.19 -11.91
C THR B 255 5.82 -0.03 -11.19
N SER B 256 6.31 -1.11 -10.60
CA SER B 256 7.52 -1.06 -9.81
C SER B 256 8.72 -0.69 -10.68
N PRO B 257 9.73 -0.04 -10.10
CA PRO B 257 10.94 0.28 -10.87
C PRO B 257 11.58 -0.94 -11.51
N TYR B 258 11.37 -2.14 -10.95
CA TYR B 258 11.84 -3.34 -11.62
C TYR B 258 11.16 -3.52 -12.97
N GLN B 259 9.83 -3.54 -12.98
CA GLN B 259 9.13 -3.76 -14.25
C GLN B 259 9.30 -2.58 -15.20
N PHE B 260 9.48 -1.37 -14.65
CA PHE B 260 9.83 -0.23 -15.48
C PHE B 260 11.18 -0.44 -16.16
N TYR B 261 12.17 -0.92 -15.41
CA TYR B 261 13.47 -1.26 -15.97
C TYR B 261 13.36 -2.39 -16.99
N GLN B 262 12.50 -3.37 -16.74
CA GLN B 262 12.37 -4.51 -17.63
C GLN B 262 11.72 -4.12 -18.96
N PHE B 263 10.79 -3.16 -18.93
CA PHE B 263 10.13 -2.77 -20.18
C PHE B 263 11.15 -2.21 -21.18
N TRP B 264 12.02 -1.31 -20.71
CA TRP B 264 13.02 -0.73 -21.59
C TRP B 264 14.05 -1.76 -22.05
N LEU B 265 14.23 -2.84 -21.29
CA LEU B 265 15.12 -3.91 -21.73
C LEU B 265 14.53 -4.65 -22.92
N LYS B 266 13.22 -4.90 -22.89
CA LYS B 266 12.57 -5.68 -23.95
C LYS B 266 12.31 -4.86 -25.21
N VAL B 267 12.83 -3.64 -25.32
CA VAL B 267 12.63 -2.82 -26.50
C VAL B 267 13.33 -3.46 -27.70
N ALA B 268 12.65 -3.48 -28.84
CA ALA B 268 13.16 -4.13 -30.04
C ALA B 268 14.44 -3.46 -30.54
N ASP B 269 15.22 -4.23 -31.31
CA ASP B 269 16.47 -3.73 -31.85
C ASP B 269 16.26 -2.53 -32.78
N ALA B 270 15.14 -2.48 -33.50
CA ALA B 270 14.93 -1.39 -34.44
C ALA B 270 14.54 -0.09 -33.73
N ASP B 271 13.83 -0.19 -32.62
CA ASP B 271 13.29 0.97 -31.93
C ASP B 271 14.24 1.55 -30.88
N VAL B 272 15.23 0.79 -30.43
CA VAL B 272 16.01 1.21 -29.26
C VAL B 272 16.89 2.40 -29.58
N TYR B 273 17.34 2.54 -30.83
CA TYR B 273 18.17 3.68 -31.17
C TYR B 273 17.34 4.94 -31.36
N LYS B 274 16.12 4.80 -31.88
CA LYS B 274 15.24 5.95 -31.95
C LYS B 274 14.73 6.34 -30.56
N PHE B 275 14.51 5.35 -29.69
CA PHE B 275 14.05 5.66 -28.33
C PHE B 275 15.15 6.30 -27.50
N LEU B 276 16.41 5.93 -27.74
CA LEU B 276 17.52 6.61 -27.07
C LEU B 276 17.57 8.08 -27.46
N LYS B 277 17.28 8.38 -28.72
CA LYS B 277 17.24 9.77 -29.16
C LYS B 277 16.00 10.49 -28.65
N TYR B 278 14.88 9.79 -28.54
CA TYR B 278 13.64 10.43 -28.08
C TYR B 278 13.71 10.78 -26.61
N PHE B 279 14.18 9.86 -25.77
CA PHE B 279 13.93 9.93 -24.34
C PHE B 279 15.15 10.19 -23.48
N THR B 280 16.35 9.98 -23.98
CA THR B 280 17.54 10.19 -23.16
C THR B 280 18.14 11.57 -23.43
N PHE B 281 18.99 12.01 -22.49
CA PHE B 281 19.75 13.24 -22.65
C PHE B 281 21.20 12.96 -23.03
N LEU B 282 21.47 11.79 -23.61
CA LEU B 282 22.78 11.50 -24.15
C LEU B 282 22.99 12.29 -25.45
N SER B 283 24.24 12.60 -25.75
CA SER B 283 24.57 13.29 -26.98
C SER B 283 24.31 12.38 -28.18
N ILE B 284 23.90 12.99 -29.30
CA ILE B 284 23.76 12.25 -30.55
C ILE B 284 25.07 11.56 -30.90
N GLU B 285 26.21 12.19 -30.61
CA GLU B 285 27.49 11.56 -30.85
C GLU B 285 27.70 10.35 -29.95
N GLU B 286 27.24 10.43 -28.70
CA GLU B 286 27.38 9.30 -27.78
C GLU B 286 26.49 8.13 -28.20
N ILE B 287 25.26 8.41 -28.61
CA ILE B 287 24.35 7.35 -29.02
C ILE B 287 24.85 6.66 -30.28
N GLY B 288 25.49 7.40 -31.18
CA GLY B 288 26.08 6.78 -32.35
C GLY B 288 27.19 5.79 -32.01
N VAL B 289 27.97 6.10 -30.97
CA VAL B 289 29.04 5.19 -30.54
C VAL B 289 28.44 3.88 -30.06
N VAL B 290 27.32 3.94 -29.34
CA VAL B 290 26.65 2.73 -28.87
C VAL B 290 26.19 1.88 -30.04
N GLU B 291 25.60 2.51 -31.05
CA GLU B 291 25.06 1.75 -32.19
C GLU B 291 26.15 1.02 -32.95
N ALA B 292 27.34 1.62 -33.06
CA ALA B 292 28.42 0.97 -33.80
C ALA B 292 28.89 -0.30 -33.09
N LYS B 293 28.90 -0.29 -31.75
CA LYS B 293 29.39 -1.45 -31.02
C LYS B 293 28.40 -2.60 -31.07
N ASP B 294 27.11 -2.31 -31.03
CA ASP B 294 26.11 -3.38 -31.08
C ASP B 294 26.12 -4.07 -32.44
N LYS B 295 26.34 -3.30 -33.52
CA LYS B 295 26.40 -3.90 -34.85
C LYS B 295 27.71 -4.64 -35.07
N ALA B 296 28.80 -4.19 -34.44
CA ALA B 296 30.08 -4.86 -34.58
C ALA B 296 30.17 -6.09 -33.68
N SER B 297 29.69 -5.99 -32.45
CA SER B 297 29.74 -7.11 -31.52
C SER B 297 28.83 -8.24 -31.97
N GLY B 298 29.36 -9.45 -31.96
CA GLY B 298 28.58 -10.62 -32.31
C GLY B 298 27.89 -11.24 -31.11
N SER B 299 27.30 -10.40 -30.27
CA SER B 299 26.61 -10.86 -29.07
C SER B 299 25.30 -10.06 -28.95
N LYS B 300 24.79 -9.94 -27.73
CA LYS B 300 23.55 -9.21 -27.52
C LYS B 300 23.80 -7.70 -27.61
N PRO B 301 22.89 -6.95 -28.21
CA PRO B 301 23.04 -5.49 -28.27
C PRO B 301 23.04 -4.87 -26.89
N GLU B 302 23.98 -3.97 -26.65
CA GLU B 302 24.11 -3.28 -25.37
C GLU B 302 23.25 -2.03 -25.27
N ALA B 303 22.42 -1.74 -26.28
CA ALA B 303 21.70 -0.47 -26.32
C ALA B 303 20.55 -0.44 -25.34
N GLN B 304 19.75 -1.51 -25.29
CA GLN B 304 18.57 -1.54 -24.41
C GLN B 304 18.96 -1.37 -22.94
N ARG B 305 20.05 -2.02 -22.52
CA ARG B 305 20.48 -1.88 -21.13
C ARG B 305 20.80 -0.43 -20.80
N ILE B 306 21.49 0.26 -21.70
CA ILE B 306 21.79 1.68 -21.48
C ILE B 306 20.52 2.51 -21.43
N LEU B 307 19.56 2.19 -22.30
CA LEU B 307 18.29 2.92 -22.31
C LEU B 307 17.52 2.70 -21.03
N ALA B 308 17.55 1.47 -20.49
CA ALA B 308 16.82 1.18 -19.26
C ALA B 308 17.45 1.89 -18.07
N GLU B 309 18.78 1.95 -18.02
CA GLU B 309 19.43 2.64 -16.92
C GLU B 309 19.09 4.13 -16.92
N GLU B 310 19.16 4.79 -18.09
CA GLU B 310 18.87 6.22 -18.16
C GLU B 310 17.43 6.53 -17.78
N MET B 311 16.48 5.70 -18.22
CA MET B 311 15.07 5.98 -17.94
C MET B 311 14.71 5.66 -16.49
N THR B 312 15.27 4.59 -15.94
CA THR B 312 14.99 4.25 -14.55
C THR B 312 15.63 5.25 -13.60
N ARG B 313 16.86 5.68 -13.89
CA ARG B 313 17.49 6.68 -13.06
C ARG B 313 16.76 8.02 -13.13
N LEU B 314 16.28 8.38 -14.32
CA LEU B 314 15.63 9.68 -14.51
C LEU B 314 14.28 9.73 -13.80
N ILE B 315 13.50 8.66 -13.89
CA ILE B 315 12.14 8.67 -13.34
C ILE B 315 12.13 8.30 -11.87
N HIS B 316 12.94 7.31 -11.47
CA HIS B 316 12.82 6.74 -10.14
C HIS B 316 14.03 6.97 -9.24
N GLY B 317 15.17 7.37 -9.79
CA GLY B 317 16.32 7.73 -8.99
C GLY B 317 17.38 6.64 -8.97
N GLU B 318 18.53 6.99 -8.38
CA GLU B 318 19.68 6.10 -8.37
C GLU B 318 19.40 4.82 -7.58
N GLU B 319 18.84 4.96 -6.37
CA GLU B 319 18.61 3.79 -5.54
C GLU B 319 17.60 2.86 -6.17
N ALA B 320 16.57 3.41 -6.83
CA ALA B 320 15.55 2.56 -7.45
C ALA B 320 16.12 1.81 -8.66
N LEU B 321 17.05 2.43 -9.39
CA LEU B 321 17.74 1.69 -10.46
C LEU B 321 18.56 0.54 -9.87
N ALA B 322 19.25 0.80 -8.76
CA ALA B 322 20.03 -0.26 -8.11
C ALA B 322 19.12 -1.41 -7.66
N ALA B 323 17.92 -1.08 -7.18
CA ALA B 323 16.97 -2.11 -6.80
C ALA B 323 16.55 -2.94 -8.00
N ALA B 324 16.17 -2.27 -9.10
CA ALA B 324 15.77 -2.97 -10.31
C ALA B 324 16.88 -3.87 -10.84
N GLN B 325 18.12 -3.37 -10.81
CA GLN B 325 19.25 -4.20 -11.25
C GLN B 325 19.43 -5.41 -10.32
N ARG B 326 19.32 -5.19 -9.01
CA ARG B 326 19.51 -6.29 -8.07
C ARG B 326 18.41 -7.34 -8.20
N ILE B 327 17.16 -6.90 -8.34
CA ILE B 327 16.05 -7.85 -8.52
C ILE B 327 16.25 -8.66 -9.80
N SER B 328 16.65 -7.99 -10.88
CA SER B 328 16.80 -8.68 -12.17
C SER B 328 17.89 -9.74 -12.12
N GLU B 329 18.91 -9.56 -11.29
CA GLU B 329 20.01 -10.50 -11.17
C GLU B 329 19.73 -11.64 -10.19
N SER B 330 18.62 -11.57 -9.45
CA SER B 330 18.33 -12.53 -8.41
C SER B 330 17.07 -13.34 -8.66
N LEU B 331 16.19 -12.89 -9.57
CA LEU B 331 14.90 -13.55 -9.75
C LEU B 331 15.08 -14.95 -10.33
N PHE B 332 15.87 -15.08 -11.38
CA PHE B 332 16.13 -16.36 -12.03
C PHE B 332 17.47 -16.95 -11.60
N ALA B 333 17.99 -16.55 -10.44
CA ALA B 333 19.31 -16.94 -9.99
C ALA B 333 19.22 -17.97 -8.86
N GLU B 334 20.38 -18.54 -8.54
CA GLU B 334 20.49 -19.56 -7.51
C GLU B 334 20.47 -18.95 -6.11
N ASP B 335 21.18 -17.84 -5.92
CA ASP B 335 21.28 -17.18 -4.62
C ASP B 335 20.38 -15.95 -4.63
N GLN B 336 19.32 -15.97 -3.82
CA GLN B 336 18.38 -14.86 -3.75
C GLN B 336 18.49 -14.09 -2.43
N SER B 337 19.59 -14.28 -1.69
CA SER B 337 19.77 -13.57 -0.43
C SER B 337 19.84 -12.06 -0.62
N ARG B 338 20.17 -11.59 -1.82
CA ARG B 338 20.24 -10.15 -2.06
C ARG B 338 18.87 -9.48 -1.98
N LEU B 339 17.80 -10.23 -2.26
CA LEU B 339 16.44 -9.68 -2.27
C LEU B 339 16.06 -9.18 -0.88
N THR B 340 15.55 -7.96 -0.81
CA THR B 340 15.09 -7.35 0.43
C THR B 340 13.57 -7.38 0.50
N GLU B 341 13.03 -6.90 1.62
CA GLU B 341 11.58 -6.87 1.77
C GLU B 341 10.94 -5.92 0.76
N SER B 342 11.56 -4.77 0.50
CA SER B 342 11.08 -3.88 -0.55
C SER B 342 11.20 -4.52 -1.92
N ASP B 343 12.24 -5.32 -2.15
CA ASP B 343 12.37 -6.03 -3.41
C ASP B 343 11.19 -6.97 -3.62
N PHE B 344 10.80 -7.72 -2.58
CA PHE B 344 9.65 -8.61 -2.71
C PHE B 344 8.35 -7.84 -2.88
N GLU B 345 8.26 -6.63 -2.30
CA GLU B 345 7.07 -5.82 -2.51
C GLU B 345 6.94 -5.38 -3.96
N GLN B 346 8.06 -5.14 -4.65
CA GLN B 346 8.02 -4.92 -6.09
C GLN B 346 7.56 -6.18 -6.81
N LEU B 347 8.06 -7.36 -6.41
CA LEU B 347 7.71 -8.59 -7.09
C LEU B 347 6.22 -8.91 -6.91
N ALA B 348 5.67 -8.62 -5.73
CA ALA B 348 4.25 -8.84 -5.51
C ALA B 348 3.40 -7.89 -6.35
N LEU B 349 3.93 -6.71 -6.66
CA LEU B 349 3.17 -5.71 -7.41
C LEU B 349 2.99 -6.13 -8.86
N ASP B 350 4.08 -6.45 -9.54
CA ASP B 350 4.00 -6.78 -10.96
C ASP B 350 5.19 -7.61 -11.42
N GLY B 351 5.96 -8.14 -10.49
CA GLY B 351 7.14 -8.91 -10.84
C GLY B 351 6.82 -10.34 -11.20
N LEU B 352 5.99 -10.97 -10.39
CA LEU B 352 5.61 -12.37 -10.55
C LEU B 352 4.12 -12.51 -10.29
N PRO B 353 3.49 -13.54 -10.83
CA PRO B 353 2.12 -13.87 -10.40
C PRO B 353 2.10 -14.30 -8.94
N ALA B 354 1.54 -13.45 -8.08
CA ALA B 354 1.56 -13.70 -6.64
C ALA B 354 0.28 -14.41 -6.21
N PHE B 355 0.44 -15.44 -5.38
CA PHE B 355 -0.66 -16.22 -4.86
C PHE B 355 -0.57 -16.26 -3.34
N GLU B 356 -1.71 -16.38 -2.69
CA GLU B 356 -1.78 -16.39 -1.23
C GLU B 356 -1.77 -17.82 -0.73
N VAL B 357 -1.00 -18.08 0.33
CA VAL B 357 -0.93 -19.38 0.97
C VAL B 357 -0.92 -19.19 2.48
N SER B 358 -1.33 -20.23 3.20
CA SER B 358 -1.28 -20.25 4.64
C SER B 358 -0.40 -21.42 5.09
N ASP B 359 -0.05 -21.42 6.38
CA ASP B 359 0.85 -22.43 6.91
C ASP B 359 0.29 -23.83 6.71
N GLY B 360 1.20 -24.81 6.65
CA GLY B 360 0.83 -26.20 6.49
C GLY B 360 0.79 -26.69 5.06
N ILE B 361 0.88 -25.78 4.08
CA ILE B 361 0.81 -26.18 2.68
C ILE B 361 2.07 -26.93 2.29
N ASN B 362 1.93 -27.93 1.42
CA ASN B 362 3.05 -28.71 0.92
C ASN B 362 3.36 -28.33 -0.52
N ALA B 363 4.46 -28.86 -1.04
CA ALA B 363 4.96 -28.45 -2.35
C ALA B 363 3.97 -28.77 -3.46
N VAL B 364 3.39 -29.97 -3.44
CA VAL B 364 2.39 -30.31 -4.45
C VAL B 364 1.15 -29.44 -4.30
N GLU B 365 0.79 -29.11 -3.05
CA GLU B 365 -0.36 -28.24 -2.82
C GLU B 365 -0.10 -26.83 -3.35
N ALA B 366 1.14 -26.34 -3.23
CA ALA B 366 1.46 -25.00 -3.70
C ALA B 366 1.65 -24.96 -5.22
N LEU B 367 2.17 -26.02 -5.82
CA LEU B 367 2.38 -26.03 -7.25
C LEU B 367 1.07 -25.94 -8.03
N VAL B 368 -0.01 -26.50 -7.49
CA VAL B 368 -1.30 -26.49 -8.17
C VAL B 368 -2.09 -25.22 -7.86
N LYS B 369 -1.99 -24.71 -6.62
CA LYS B 369 -2.67 -23.47 -6.29
C LYS B 369 -2.06 -22.27 -7.01
N THR B 370 -0.78 -22.36 -7.38
CA THR B 370 -0.11 -21.29 -8.10
C THR B 370 -0.14 -21.47 -9.61
N GLY B 371 -0.71 -22.58 -10.09
CA GLY B 371 -0.90 -22.77 -11.51
C GLY B 371 0.26 -23.40 -12.26
N LEU B 372 1.35 -23.77 -11.58
CA LEU B 372 2.48 -24.37 -12.28
C LEU B 372 2.28 -25.86 -12.55
N ALA B 373 1.14 -26.43 -12.16
CA ALA B 373 0.82 -27.82 -12.45
C ALA B 373 -0.69 -27.98 -12.47
N ALA B 374 -1.19 -28.73 -13.46
CA ALA B 374 -2.64 -28.89 -13.60
C ALA B 374 -3.21 -29.80 -12.52
N SER B 375 -2.54 -30.93 -12.26
CA SER B 375 -2.98 -31.88 -11.24
C SER B 375 -1.89 -32.06 -10.20
N ASN B 376 -2.30 -32.50 -9.01
CA ASN B 376 -1.32 -32.82 -7.97
C ASN B 376 -0.44 -33.99 -8.39
N LYS B 377 -1.03 -34.99 -9.07
CA LYS B 377 -0.24 -36.12 -9.54
C LYS B 377 0.81 -35.67 -10.54
N GLU B 378 0.48 -34.69 -11.37
CA GLU B 378 1.47 -34.13 -12.30
C GLU B 378 2.54 -33.36 -11.54
N ALA B 379 2.15 -32.64 -10.47
CA ALA B 379 3.10 -31.88 -9.69
C ALA B 379 4.10 -32.78 -8.96
N ARG B 380 3.71 -34.01 -8.63
CA ARG B 380 4.64 -34.92 -7.98
C ARG B 380 5.74 -35.35 -8.92
N GLY B 381 5.44 -35.43 -10.22
CA GLY B 381 6.49 -35.74 -11.18
C GLY B 381 7.54 -34.66 -11.26
N PHE B 382 7.12 -33.39 -11.20
CA PHE B 382 8.08 -32.29 -11.20
C PHE B 382 8.91 -32.28 -9.93
N VAL B 383 8.30 -32.67 -8.80
CA VAL B 383 9.03 -32.72 -7.53
C VAL B 383 10.09 -33.80 -7.58
N ASN B 384 9.71 -34.99 -8.05
CA ASN B 384 10.65 -36.10 -8.14
C ASN B 384 11.68 -35.92 -9.25
N ALA B 385 11.44 -35.01 -10.19
CA ALA B 385 12.39 -34.72 -11.26
C ALA B 385 13.42 -33.67 -10.87
N LYS B 386 13.40 -33.20 -9.62
CA LYS B 386 14.32 -32.20 -9.09
C LYS B 386 14.24 -30.88 -9.84
N ALA B 387 13.13 -30.63 -10.54
CA ALA B 387 12.91 -29.41 -11.30
C ALA B 387 12.01 -28.41 -10.57
N VAL B 388 11.99 -28.46 -9.24
CA VAL B 388 11.18 -27.57 -8.42
C VAL B 388 12.14 -26.86 -7.46
N LEU B 389 12.19 -25.53 -7.56
CA LEU B 389 13.10 -24.73 -6.74
C LEU B 389 12.31 -23.83 -5.81
N LEU B 390 12.71 -23.80 -4.54
CA LEU B 390 12.17 -22.89 -3.54
C LEU B 390 13.26 -21.89 -3.19
N ASN B 391 13.05 -20.63 -3.57
CA ASN B 391 14.02 -19.56 -3.35
C ASN B 391 15.37 -19.88 -4.00
N GLY B 392 15.31 -20.49 -5.18
CA GLY B 392 16.50 -20.80 -5.96
C GLY B 392 17.20 -22.09 -5.59
N LYS B 393 16.67 -22.84 -4.64
CA LYS B 393 17.27 -24.08 -4.19
C LYS B 393 16.25 -25.21 -4.27
N PRO B 394 16.67 -26.41 -4.64
CA PRO B 394 15.71 -27.51 -4.83
C PRO B 394 15.04 -27.92 -3.52
N ALA B 395 13.80 -28.39 -3.65
CA ALA B 395 13.03 -28.81 -2.48
C ALA B 395 13.60 -30.12 -1.92
N GLU B 396 13.58 -30.23 -0.59
CA GLU B 396 14.06 -31.41 0.11
C GLU B 396 13.01 -31.87 1.11
N ALA B 397 13.01 -33.18 1.38
CA ALA B 397 12.07 -33.73 2.34
C ALA B 397 12.43 -33.26 3.75
N ASN B 398 11.40 -32.96 4.54
CA ASN B 398 11.61 -32.45 5.90
C ASN B 398 10.42 -32.71 6.81
N ASN B 399 9.97 -33.95 6.88
CA ASN B 399 8.85 -34.35 7.72
C ASN B 399 8.82 -35.88 7.80
N PRO B 400 8.24 -36.43 8.88
CA PRO B 400 7.94 -37.87 8.88
C PRO B 400 6.59 -38.16 8.25
N ASN B 401 6.15 -37.28 7.34
CA ASN B 401 4.83 -37.37 6.70
C ASN B 401 3.65 -37.47 7.68
N HIS B 402 2.58 -38.14 7.25
CA HIS B 402 1.40 -38.26 8.11
C HIS B 402 0.47 -39.43 7.73
N PRO B 407 0.34 -37.59 3.64
CA PRO B 407 0.92 -38.49 2.65
C PRO B 407 1.87 -37.77 1.71
N ASP B 408 1.48 -36.56 1.30
CA ASP B 408 2.29 -35.72 0.43
C ASP B 408 2.94 -34.57 1.19
N ASP B 409 2.80 -34.53 2.52
CA ASP B 409 3.37 -33.48 3.34
C ASP B 409 4.84 -33.75 3.69
N ALA B 410 5.49 -34.68 2.99
CA ALA B 410 6.93 -34.88 3.18
C ALA B 410 7.72 -33.66 2.74
N TYR B 411 7.27 -33.00 1.67
CA TYR B 411 7.85 -31.74 1.20
C TYR B 411 6.99 -30.62 1.75
N LEU B 412 7.35 -30.12 2.93
CA LEU B 412 6.60 -29.08 3.62
C LEU B 412 7.34 -27.75 3.52
N LEU B 413 6.59 -26.68 3.25
CA LEU B 413 7.16 -25.33 3.19
C LEU B 413 7.06 -24.71 4.57
N ILE B 414 8.08 -24.97 5.40
CA ILE B 414 8.14 -24.47 6.76
C ILE B 414 8.76 -23.07 6.77
N GLY B 415 8.86 -22.48 7.96
CA GLY B 415 9.24 -21.08 8.10
C GLY B 415 10.56 -20.70 7.49
N GLU B 416 11.48 -21.66 7.35
CA GLU B 416 12.79 -21.35 6.80
C GLU B 416 12.72 -20.92 5.33
N TYR B 417 11.66 -21.32 4.61
CA TYR B 417 11.46 -20.89 3.23
C TYR B 417 10.75 -19.55 3.10
N LYS B 418 10.23 -19.01 4.20
CA LYS B 418 9.50 -17.74 4.16
C LYS B 418 10.49 -16.59 4.30
N ARG B 419 10.73 -15.88 3.20
CA ARG B 419 11.60 -14.70 3.24
C ARG B 419 10.88 -13.57 3.95
N PHE B 420 11.49 -13.07 5.01
CA PHE B 420 10.88 -12.04 5.86
C PHE B 420 9.52 -12.50 6.38
N GLY B 421 9.35 -13.81 6.52
CA GLY B 421 8.11 -14.39 7.00
C GLY B 421 6.91 -14.09 6.14
N LYS B 422 7.10 -13.92 4.84
CA LYS B 422 5.99 -13.48 3.99
C LYS B 422 6.09 -13.97 2.55
N TYR B 423 7.31 -14.13 2.02
CA TYR B 423 7.50 -14.37 0.60
C TYR B 423 8.32 -15.62 0.36
N THR B 424 7.98 -16.31 -0.74
CA THR B 424 8.68 -17.51 -1.18
C THR B 424 8.56 -17.62 -2.68
N ILE B 425 9.69 -17.72 -3.37
CA ILE B 425 9.69 -17.80 -4.83
C ILE B 425 9.68 -19.28 -5.22
N LEU B 426 8.58 -19.70 -5.84
CA LEU B 426 8.39 -21.08 -6.26
C LEU B 426 8.61 -21.18 -7.77
N ARG B 427 9.56 -22.01 -8.18
CA ARG B 427 9.88 -22.19 -9.59
C ARG B 427 9.72 -23.66 -9.96
N ARG B 428 9.23 -23.91 -11.18
CA ARG B 428 9.04 -25.27 -11.71
C ARG B 428 9.49 -25.26 -13.16
N GLY B 429 10.73 -25.64 -13.40
CA GLY B 429 11.32 -25.64 -14.72
C GLY B 429 12.31 -24.49 -14.89
N LYS B 430 13.04 -24.56 -16.02
CA LYS B 430 14.03 -23.53 -16.31
C LYS B 430 13.40 -22.15 -16.38
N ARG B 431 12.20 -22.07 -16.96
CA ARG B 431 11.46 -20.82 -17.06
C ARG B 431 10.08 -21.00 -16.45
N ASN B 432 9.44 -19.86 -16.14
CA ASN B 432 8.10 -19.77 -15.55
C ASN B 432 8.13 -20.14 -14.08
N HIS B 433 7.62 -19.24 -13.23
CA HIS B 433 7.69 -19.36 -11.78
C HIS B 433 6.68 -18.41 -11.14
N ALA B 434 6.46 -18.57 -9.85
CA ALA B 434 5.43 -17.82 -9.13
C ALA B 434 5.98 -17.34 -7.79
N LEU B 435 5.24 -16.44 -7.15
CA LEU B 435 5.59 -15.89 -5.84
C LEU B 435 4.52 -16.26 -4.83
N LEU B 436 4.94 -16.83 -3.69
CA LEU B 436 4.04 -17.20 -2.62
C LEU B 436 4.02 -16.12 -1.56
N VAL B 437 2.82 -15.76 -1.10
CA VAL B 437 2.64 -14.73 -0.08
C VAL B 437 1.86 -15.33 1.08
N TRP B 438 2.48 -15.33 2.26
CA TRP B 438 1.93 -16.02 3.43
C TRP B 438 1.05 -15.08 4.25
N LYS B 439 -0.18 -15.53 4.52
CA LYS B 439 -1.11 -14.73 5.31
C LYS B 439 -1.01 -15.08 6.79
#